data_5RML
#
_entry.id   5RML
#
_cell.length_a   58.940
_cell.length_b   70.101
_cell.length_c   85.447
_cell.angle_alpha   102.810
_cell.angle_beta   95.840
_cell.angle_gamma   112.420
#
_symmetry.space_group_name_H-M   'P 1'
#
loop_
_entity.id
_entity.type
_entity.pdbx_description
1 polymer Helicase
2 non-polymer 'ZINC ION'
3 non-polymer 'PHOSPHATE ION'
4 non-polymer N-(3-chloro-2-methylphenyl)glycinamide
5 water water
#
_entity_poly.entity_id   1
_entity_poly.type   'polypeptide(L)'
_entity_poly.pdbx_seq_one_letter_code
;AVGACVLCNSQTSLRCGACIRRPFLCCKCCYDHVISTSHKLVLSVNPYVCNAPGCDVTDVTQLYLGGMSYYCKSHKPPIS
FPLCANGQVFGLYKNTCVGSDNVTDFNAIATCDWTNAGDYILANTCTERLKLFAAETLKATEETFKLSYGIATVREVLSD
RELHLSWEVGKPRPPLNRNYVFTGYRVTKNSKVQIGEYTFEKGDYGDAVVYRGTTTYKLNVGDYFVLTSHTVMPLSAPTL
VPQEHYVRITGLYPTLNISDEFSSNVANYQKVGMQKYSTLQGPPGTGKSHFAIGLALYYPSARIVYTACSHAAVDALCEK
ALKYLPIDKCSRIIPARARVECFDKFKVNSTLEQYVFCTVNALPETTADIVVFDEISMATNYDLSVVNARLRAKHYVYIG
DPAQLPAPRTLLTKGTLEPEYFNSVCRLMKTIGPDMFLGTCRRCPAEIVDTVSALVYDNKLKAHKDKSAQCFKMFYKGVI
THDVSSAINRPQIGVVREFLTRNPAWRKAVFISPYNSQNAVASKILGLPTQTVDSSQGSEYDYVIFTQTTETAHSCNVNR
FNVAITRAKVGILCIMSDRDLYDKLQFTSLEIPRRNVATLQ
;
_entity_poly.pdbx_strand_id   B,A
#
loop_
_chem_comp.id
_chem_comp.type
_chem_comp.name
_chem_comp.formula
PO4 non-polymer 'PHOSPHATE ION' 'O4 P -3'
VXD non-polymer N-(3-chloro-2-methylphenyl)glycinamide 'C9 H11 Cl N2 O'
ZN non-polymer 'ZINC ION' 'Zn 2'
#
# COMPACT_ATOMS: atom_id res chain seq x y z
N VAL A 2 26.59 -0.49 -3.03
CA VAL A 2 27.34 -1.33 -2.05
C VAL A 2 26.34 -2.27 -1.35
N GLY A 3 26.77 -3.43 -0.87
CA GLY A 3 25.92 -4.41 -0.14
C GLY A 3 26.70 -5.62 0.33
N ALA A 4 26.04 -6.78 0.37
CA ALA A 4 26.55 -8.04 0.97
C ALA A 4 26.52 -9.18 -0.05
N CYS A 5 27.70 -9.56 -0.52
CA CYS A 5 27.91 -10.87 -1.18
C CYS A 5 26.93 -11.88 -0.55
N VAL A 6 26.05 -12.45 -1.35
CA VAL A 6 25.04 -13.47 -0.92
C VAL A 6 25.71 -14.82 -0.72
N LEU A 7 27.00 -14.96 -1.01
CA LEU A 7 27.72 -16.22 -0.69
C LEU A 7 28.65 -15.99 0.50
N CYS A 8 29.37 -14.86 0.54
CA CYS A 8 30.44 -14.53 1.53
C CYS A 8 29.87 -13.64 2.63
N ASN A 9 28.83 -12.90 2.31
CA ASN A 9 28.37 -11.77 3.15
C ASN A 9 29.41 -10.65 3.08
N SER A 10 30.66 -11.01 2.77
CA SER A 10 31.73 -10.04 2.38
C SER A 10 31.07 -8.73 1.95
N GLN A 11 31.61 -7.59 2.38
CA GLN A 11 31.10 -6.26 1.97
C GLN A 11 31.57 -5.99 0.54
N THR A 12 30.67 -5.69 -0.40
CA THR A 12 31.02 -5.55 -1.84
C THR A 12 30.27 -4.41 -2.52
N SER A 13 30.81 -3.93 -3.66
CA SER A 13 30.21 -2.88 -4.52
C SER A 13 29.86 -3.44 -5.91
N LEU A 14 29.75 -4.76 -6.05
CA LEU A 14 29.43 -5.40 -7.34
C LEU A 14 28.03 -6.04 -7.21
N ARG A 15 27.28 -6.07 -8.33
CA ARG A 15 26.06 -6.90 -8.52
C ARG A 15 26.13 -7.50 -9.92
N CYS A 16 25.74 -8.78 -10.09
CA CYS A 16 25.67 -9.47 -11.41
C CYS A 16 24.53 -8.85 -12.19
N GLY A 17 24.81 -8.28 -13.35
CA GLY A 17 23.83 -7.54 -14.14
C GLY A 17 22.94 -8.47 -14.97
N ALA A 18 23.32 -9.75 -15.19
CA ALA A 18 22.54 -10.77 -15.94
C ALA A 18 21.59 -11.53 -14.99
N CYS A 19 21.93 -11.64 -13.69
CA CYS A 19 21.02 -12.14 -12.61
C CYS A 19 19.82 -11.20 -12.46
N ILE A 20 18.62 -11.74 -12.57
CA ILE A 20 17.38 -10.91 -12.64
C ILE A 20 17.22 -10.12 -11.34
N ARG A 21 17.81 -10.57 -10.23
CA ARG A 21 17.67 -9.91 -8.91
C ARG A 21 18.84 -8.95 -8.69
N ARG A 22 19.91 -9.15 -9.46
CA ARG A 22 21.20 -8.43 -9.35
C ARG A 22 21.79 -8.58 -7.96
N PRO A 23 22.05 -9.81 -7.51
CA PRO A 23 22.64 -9.98 -6.18
C PRO A 23 23.90 -9.10 -6.11
N PHE A 24 24.26 -8.63 -4.93
CA PHE A 24 25.64 -8.18 -4.63
C PHE A 24 26.53 -9.41 -4.65
N LEU A 25 27.68 -9.35 -5.34
CA LEU A 25 28.74 -10.37 -5.26
C LEU A 25 30.10 -9.69 -5.03
N CYS A 26 30.86 -10.19 -4.03
CA CYS A 26 32.26 -9.79 -3.72
C CYS A 26 33.15 -10.17 -4.90
N CYS A 27 34.06 -9.28 -5.26
CA CYS A 27 35.29 -9.58 -6.04
C CYS A 27 35.40 -11.08 -6.27
N LYS A 28 35.51 -11.89 -5.20
CA LYS A 28 35.84 -13.34 -5.37
C LYS A 28 34.61 -13.97 -6.01
N CYS A 29 33.44 -13.81 -5.38
CA CYS A 29 32.23 -14.59 -5.71
C CYS A 29 31.70 -14.11 -7.07
N CYS A 30 31.84 -12.82 -7.34
CA CYS A 30 31.48 -12.20 -8.64
C CYS A 30 32.28 -12.85 -9.78
N TYR A 31 33.60 -12.93 -9.63
CA TYR A 31 34.55 -13.66 -10.52
C TYR A 31 34.13 -15.12 -10.64
N ASP A 32 34.12 -15.83 -9.51
CA ASP A 32 33.83 -17.28 -9.47
C ASP A 32 32.50 -17.51 -10.20
N HIS A 33 31.55 -16.56 -10.11
CA HIS A 33 30.22 -16.54 -10.82
C HIS A 33 30.40 -16.31 -12.33
N VAL A 34 30.97 -15.16 -12.74
CA VAL A 34 31.11 -14.77 -14.17
C VAL A 34 31.97 -15.75 -14.98
N ILE A 35 33.04 -16.34 -14.44
CA ILE A 35 33.92 -17.23 -15.27
C ILE A 35 33.33 -18.64 -15.32
N SER A 36 32.31 -18.92 -14.53
CA SER A 36 31.74 -20.28 -14.44
C SER A 36 30.36 -20.35 -15.09
N THR A 37 29.82 -19.18 -15.54
CA THR A 37 28.49 -19.04 -16.21
C THR A 37 28.55 -18.00 -17.34
N SER A 38 27.51 -18.03 -18.19
CA SER A 38 27.18 -17.02 -19.24
C SER A 38 26.85 -15.65 -18.64
N HIS A 39 26.68 -15.55 -17.33
CA HIS A 39 26.42 -14.26 -16.66
C HIS A 39 27.71 -13.44 -16.70
N LYS A 40 27.79 -12.37 -17.52
CA LYS A 40 29.05 -11.59 -17.70
C LYS A 40 28.82 -10.08 -17.57
N LEU A 41 27.58 -9.58 -17.49
CA LEU A 41 27.39 -8.15 -17.15
C LEU A 41 27.64 -8.01 -15.66
N VAL A 42 28.31 -6.94 -15.23
CA VAL A 42 28.60 -6.66 -13.81
C VAL A 42 28.27 -5.19 -13.56
N LEU A 43 27.64 -4.90 -12.41
CA LEU A 43 27.19 -3.54 -12.03
C LEU A 43 27.87 -3.14 -10.73
N SER A 44 28.50 -1.98 -10.69
CA SER A 44 29.02 -1.33 -9.45
C SER A 44 28.21 -0.06 -9.17
N VAL A 45 28.77 0.89 -8.41
CA VAL A 45 28.33 2.32 -8.33
C VAL A 45 28.11 2.82 -9.77
N ASN A 46 28.58 2.06 -10.75
CA ASN A 46 28.23 2.18 -12.19
C ASN A 46 28.16 0.79 -12.81
N PRO A 47 27.73 0.67 -14.09
CA PRO A 47 27.81 -0.59 -14.85
C PRO A 47 29.17 -0.78 -15.54
N TYR A 48 29.82 -1.94 -15.32
CA TYR A 48 31.06 -2.35 -16.03
C TYR A 48 30.63 -2.60 -17.47
N VAL A 49 30.59 -1.52 -18.24
CA VAL A 49 30.30 -1.47 -19.70
C VAL A 49 31.36 -0.55 -20.32
N CYS A 50 31.62 -0.65 -21.63
CA CYS A 50 32.65 0.19 -22.30
C CYS A 50 32.14 1.63 -22.51
N ASN A 51 32.57 2.58 -21.67
CA ASN A 51 32.21 4.02 -21.76
C ASN A 51 32.75 4.67 -23.05
N ALA A 52 33.16 3.86 -24.06
CA ALA A 52 33.56 4.33 -25.40
C ALA A 52 32.31 4.57 -26.23
N PRO A 53 32.34 5.51 -27.21
CA PRO A 53 31.14 5.88 -27.98
C PRO A 53 30.76 4.84 -29.05
N GLY A 54 29.59 4.20 -28.89
CA GLY A 54 29.05 3.16 -29.78
C GLY A 54 29.93 1.91 -29.85
N CYS A 55 30.32 1.35 -28.69
CA CYS A 55 30.84 -0.03 -28.52
C CYS A 55 29.96 -0.80 -27.52
N ASP A 56 29.56 -2.02 -27.88
CA ASP A 56 28.53 -2.82 -27.16
C ASP A 56 29.19 -3.74 -26.13
N VAL A 57 30.44 -3.50 -25.74
CA VAL A 57 31.19 -4.44 -24.85
C VAL A 57 30.72 -4.24 -23.41
N THR A 58 29.98 -5.26 -22.93
CA THR A 58 29.39 -5.42 -21.58
C THR A 58 30.15 -6.49 -20.80
N ASP A 59 30.45 -7.67 -21.42
CA ASP A 59 31.25 -8.77 -20.80
C ASP A 59 32.38 -8.17 -19.94
N VAL A 60 32.50 -8.61 -18.69
CA VAL A 60 33.45 -8.02 -17.71
C VAL A 60 34.84 -8.61 -17.96
N THR A 61 34.93 -9.77 -18.62
CA THR A 61 36.22 -10.47 -18.87
C THR A 61 36.91 -9.87 -20.11
N GLN A 62 36.36 -8.77 -20.67
CA GLN A 62 36.92 -8.06 -21.85
C GLN A 62 36.88 -6.56 -21.58
N LEU A 63 37.13 -6.12 -20.35
CA LEU A 63 37.01 -4.69 -19.98
C LEU A 63 38.14 -4.28 -19.03
N TYR A 64 38.54 -3.01 -19.14
CA TYR A 64 39.72 -2.40 -18.48
C TYR A 64 39.35 -1.00 -17.94
N LEU A 65 39.68 -0.73 -16.67
CA LEU A 65 39.59 0.60 -16.01
C LEU A 65 40.79 1.47 -16.44
N GLY A 66 40.56 2.38 -17.40
CA GLY A 66 41.53 3.38 -17.88
C GLY A 66 41.07 4.80 -17.58
N GLY A 67 41.76 5.48 -16.65
CA GLY A 67 41.27 6.72 -16.01
C GLY A 67 40.37 6.40 -14.83
N MET A 68 39.10 6.83 -14.89
CA MET A 68 38.00 6.41 -13.97
C MET A 68 36.78 6.03 -14.81
N SER A 69 37.03 5.58 -16.04
CA SER A 69 36.03 5.13 -17.05
C SER A 69 36.44 3.78 -17.63
N TYR A 70 35.47 2.89 -17.86
CA TYR A 70 35.68 1.48 -18.26
C TYR A 70 35.74 1.43 -19.80
N TYR A 71 36.57 0.54 -20.36
CA TYR A 71 36.76 0.34 -21.82
C TYR A 71 37.11 -1.11 -22.13
N CYS A 72 36.68 -1.60 -23.29
CA CYS A 72 37.08 -2.92 -23.85
C CYS A 72 38.55 -2.88 -24.30
N LYS A 73 39.05 -4.01 -24.83
CA LYS A 73 40.43 -4.12 -25.41
C LYS A 73 40.62 -2.97 -26.38
N SER A 74 39.73 -2.88 -27.38
CA SER A 74 39.79 -1.98 -28.55
C SER A 74 39.90 -0.51 -28.16
N HIS A 75 39.11 -0.04 -27.19
CA HIS A 75 38.98 1.41 -26.92
C HIS A 75 39.96 1.84 -25.80
N LYS A 76 40.60 0.89 -25.12
CA LYS A 76 41.19 1.18 -23.79
C LYS A 76 42.34 2.15 -23.98
N PRO A 77 42.64 3.00 -22.97
CA PRO A 77 43.82 3.85 -22.99
C PRO A 77 45.14 3.10 -22.78
N PRO A 78 46.30 3.76 -22.98
CA PRO A 78 47.60 3.12 -22.81
C PRO A 78 47.80 2.57 -21.40
N ILE A 79 47.45 3.38 -20.39
CA ILE A 79 47.42 3.00 -18.94
C ILE A 79 45.99 2.56 -18.59
N SER A 80 45.84 1.27 -18.28
CA SER A 80 44.57 0.60 -17.86
C SER A 80 44.92 -0.77 -17.26
N PHE A 81 44.21 -1.20 -16.21
CA PHE A 81 44.26 -2.61 -15.72
C PHE A 81 42.92 -3.26 -16.07
N PRO A 82 42.86 -4.60 -16.29
CA PRO A 82 41.58 -5.26 -16.54
C PRO A 82 40.66 -5.12 -15.32
N LEU A 83 39.36 -5.37 -15.51
CA LEU A 83 38.32 -5.29 -14.44
C LEU A 83 38.21 -6.63 -13.73
N CYS A 84 38.71 -7.69 -14.38
CA CYS A 84 38.38 -9.11 -14.11
C CYS A 84 39.63 -9.98 -14.26
N ALA A 85 40.52 -9.97 -13.27
CA ALA A 85 41.77 -10.76 -13.29
C ALA A 85 42.26 -10.99 -11.85
N ASN A 86 43.03 -12.07 -11.66
CA ASN A 86 43.46 -12.52 -10.30
C ASN A 86 42.24 -13.03 -9.54
N GLY A 87 41.42 -13.89 -10.16
CA GLY A 87 40.27 -14.56 -9.51
C GLY A 87 39.39 -13.57 -8.76
N GLN A 88 39.47 -12.30 -9.14
CA GLN A 88 38.70 -11.20 -8.52
C GLN A 88 38.33 -10.20 -9.62
N VAL A 89 37.05 -9.85 -9.69
CA VAL A 89 36.54 -8.74 -10.52
C VAL A 89 36.74 -7.47 -9.70
N PHE A 90 37.08 -6.37 -10.37
CA PHE A 90 37.55 -5.13 -9.71
C PHE A 90 36.34 -4.35 -9.18
N GLY A 91 36.39 -3.93 -7.90
CA GLY A 91 35.46 -2.97 -7.27
C GLY A 91 35.90 -2.60 -5.86
N LEU A 92 35.09 -1.82 -5.13
CA LEU A 92 35.37 -1.42 -3.70
C LEU A 92 35.51 -2.67 -2.84
N TYR A 93 36.21 -2.51 -1.70
CA TYR A 93 36.44 -3.52 -0.63
C TYR A 93 37.19 -4.74 -1.20
N LYS A 94 38.17 -4.45 -2.07
CA LYS A 94 39.01 -5.38 -2.89
C LYS A 94 39.92 -6.27 -2.02
N ASN A 95 40.06 -5.97 -0.72
CA ASN A 95 40.91 -6.73 0.23
C ASN A 95 40.02 -7.69 1.05
N THR A 96 38.93 -7.18 1.66
CA THR A 96 37.93 -7.99 2.41
C THR A 96 36.98 -8.69 1.43
N CYS A 97 37.04 -10.02 1.38
CA CYS A 97 36.53 -10.87 0.29
C CYS A 97 37.00 -12.31 0.55
N VAL A 98 36.11 -13.17 1.08
CA VAL A 98 36.47 -14.55 1.49
C VAL A 98 36.41 -15.51 0.29
N GLY A 99 35.22 -15.77 -0.27
CA GLY A 99 35.00 -16.69 -1.42
C GLY A 99 34.06 -17.84 -1.10
N SER A 100 34.26 -19.04 -1.69
CA SER A 100 33.54 -20.30 -1.35
C SER A 100 34.23 -21.51 -1.99
N ASP A 101 34.23 -22.66 -1.30
CA ASP A 101 34.84 -23.94 -1.78
C ASP A 101 34.08 -24.41 -3.03
N ASN A 102 32.77 -24.14 -3.09
CA ASN A 102 31.87 -24.30 -4.27
C ASN A 102 30.90 -23.10 -4.33
N VAL A 103 30.68 -22.58 -5.54
CA VAL A 103 29.70 -21.50 -5.89
C VAL A 103 28.59 -22.17 -6.71
N THR A 104 28.67 -23.50 -6.82
CA THR A 104 27.89 -24.32 -7.76
C THR A 104 26.41 -24.00 -7.56
N ASP A 105 25.89 -24.20 -6.34
CA ASP A 105 24.46 -24.04 -5.99
C ASP A 105 23.97 -22.66 -6.44
N PHE A 106 24.72 -21.59 -6.16
CA PHE A 106 24.24 -20.22 -6.43
C PHE A 106 24.18 -19.99 -7.94
N ASN A 107 25.16 -20.46 -8.69
CA ASN A 107 25.11 -20.50 -10.18
C ASN A 107 23.79 -21.18 -10.65
N ALA A 108 23.47 -22.37 -10.14
CA ALA A 108 22.27 -23.12 -10.57
C ALA A 108 21.03 -22.28 -10.25
N ILE A 109 20.94 -21.72 -9.04
CA ILE A 109 19.80 -20.86 -8.65
C ILE A 109 19.73 -19.65 -9.59
N ALA A 110 20.86 -19.09 -9.98
CA ALA A 110 20.96 -17.84 -10.78
C ALA A 110 20.50 -18.07 -12.21
N THR A 111 20.67 -19.31 -12.72
CA THR A 111 20.61 -19.65 -14.17
C THR A 111 19.50 -20.65 -14.47
N CYS A 112 18.91 -21.33 -13.48
CA CYS A 112 17.81 -22.28 -13.74
C CYS A 112 16.58 -21.48 -14.20
N ASP A 113 15.76 -22.05 -15.07
CA ASP A 113 14.48 -21.45 -15.56
C ASP A 113 13.30 -21.82 -14.66
N TRP A 114 13.45 -22.74 -13.71
CA TRP A 114 12.41 -23.15 -12.73
C TRP A 114 11.34 -24.07 -13.36
N THR A 115 11.67 -24.82 -14.41
CA THR A 115 10.73 -25.79 -15.04
C THR A 115 10.89 -27.15 -14.37
N ASN A 116 12.06 -27.46 -13.82
CA ASN A 116 12.43 -28.79 -13.29
C ASN A 116 12.28 -28.82 -11.76
N ALA A 117 11.80 -29.93 -11.22
CA ALA A 117 11.69 -30.18 -9.77
C ALA A 117 13.01 -29.83 -9.08
N GLY A 118 14.13 -30.30 -9.64
CA GLY A 118 15.49 -30.19 -9.06
C GLY A 118 15.78 -28.76 -8.62
N ASP A 119 15.14 -27.80 -9.28
CA ASP A 119 15.40 -26.35 -9.09
C ASP A 119 14.85 -25.93 -7.73
N TYR A 120 13.69 -26.46 -7.36
CA TYR A 120 12.90 -26.17 -6.14
C TYR A 120 13.48 -26.97 -4.98
N ILE A 121 14.03 -28.14 -5.28
CA ILE A 121 14.72 -29.02 -4.31
C ILE A 121 15.99 -28.28 -3.83
N LEU A 122 16.82 -27.87 -4.78
CA LEU A 122 18.03 -27.09 -4.45
C LEU A 122 17.63 -25.85 -3.63
N ALA A 123 16.56 -25.16 -4.00
CA ALA A 123 16.18 -23.86 -3.37
C ALA A 123 15.73 -24.11 -1.93
N ASN A 124 15.53 -25.38 -1.57
CA ASN A 124 14.99 -25.76 -0.25
C ASN A 124 16.02 -26.62 0.50
N THR A 125 17.16 -26.97 -0.12
CA THR A 125 18.27 -27.69 0.57
C THR A 125 19.53 -26.82 0.59
N CYS A 126 19.56 -25.67 -0.10
CA CYS A 126 20.77 -24.81 -0.15
C CYS A 126 20.93 -24.09 1.19
N THR A 127 21.97 -23.29 1.35
CA THR A 127 22.23 -22.49 2.58
C THR A 127 21.07 -21.50 2.70
N GLU A 128 20.83 -20.91 3.87
CA GLU A 128 19.65 -20.03 4.11
C GLU A 128 19.72 -18.77 3.23
N ARG A 129 20.89 -18.13 3.13
CA ARG A 129 21.04 -16.94 2.26
C ARG A 129 20.60 -17.31 0.83
N LEU A 130 20.91 -18.53 0.37
CA LEU A 130 20.56 -18.97 -0.99
C LEU A 130 19.07 -19.31 -1.07
N LYS A 131 18.45 -19.82 0.01
CA LYS A 131 16.97 -19.91 0.14
C LYS A 131 16.33 -18.55 -0.13
N LEU A 132 16.90 -17.47 0.36
CA LEU A 132 16.26 -16.15 0.13
C LEU A 132 16.51 -15.77 -1.32
N PHE A 133 17.76 -15.71 -1.75
CA PHE A 133 18.09 -15.37 -3.15
C PHE A 133 17.17 -16.18 -4.08
N ALA A 134 17.04 -17.50 -3.91
CA ALA A 134 16.33 -18.44 -4.83
C ALA A 134 14.85 -18.07 -4.87
N ALA A 135 14.33 -17.64 -3.73
CA ALA A 135 12.90 -17.32 -3.50
C ALA A 135 12.55 -16.03 -4.26
N GLU A 136 13.46 -15.06 -4.25
CA GLU A 136 13.35 -13.81 -5.06
C GLU A 136 13.51 -14.16 -6.54
N THR A 137 14.62 -14.80 -6.91
CA THR A 137 14.92 -15.19 -8.32
C THR A 137 13.68 -15.89 -8.90
N LEU A 138 13.11 -16.83 -8.15
CA LEU A 138 11.91 -17.60 -8.56
C LEU A 138 10.75 -16.62 -8.71
N LYS A 139 10.41 -15.87 -7.67
CA LYS A 139 9.18 -15.05 -7.72
C LYS A 139 9.26 -14.04 -8.85
N ALA A 140 10.39 -13.36 -9.00
CA ALA A 140 10.64 -12.46 -10.15
C ALA A 140 10.57 -13.25 -11.47
N THR A 141 11.05 -14.50 -11.55
CA THR A 141 10.97 -15.27 -12.83
C THR A 141 9.49 -15.54 -13.13
N GLU A 142 8.77 -16.02 -12.13
CA GLU A 142 7.30 -16.23 -12.17
C GLU A 142 6.62 -14.94 -12.69
N GLU A 143 6.89 -13.77 -12.11
CA GLU A 143 6.18 -12.49 -12.40
C GLU A 143 6.49 -11.99 -13.82
N THR A 144 7.71 -12.22 -14.29
CA THR A 144 8.18 -11.84 -15.67
C THR A 144 7.45 -12.72 -16.68
N PHE A 145 7.35 -14.03 -16.42
CA PHE A 145 6.69 -15.01 -17.33
C PHE A 145 5.23 -14.64 -17.57
N LYS A 146 4.59 -13.97 -16.61
CA LYS A 146 3.18 -13.51 -16.69
C LYS A 146 3.06 -12.42 -17.76
N LEU A 147 4.12 -11.65 -18.00
CA LEU A 147 4.19 -10.57 -19.02
C LEU A 147 4.27 -11.19 -20.41
N SER A 148 4.92 -12.35 -20.58
CA SER A 148 5.08 -13.00 -21.91
C SER A 148 3.69 -13.42 -22.43
N TYR A 149 2.65 -13.33 -21.60
CA TYR A 149 1.27 -13.73 -22.00
C TYR A 149 0.65 -12.59 -22.79
N GLY A 150 -0.01 -12.93 -23.90
CA GLY A 150 -0.81 -11.99 -24.68
C GLY A 150 -1.94 -11.38 -23.85
N ILE A 151 -2.17 -10.08 -24.02
CA ILE A 151 -3.35 -9.33 -23.50
C ILE A 151 -4.62 -9.97 -24.07
N ALA A 152 -5.64 -10.23 -23.26
CA ALA A 152 -6.99 -10.56 -23.76
C ALA A 152 -7.81 -9.27 -23.85
N THR A 153 -8.52 -9.04 -24.95
CA THR A 153 -9.40 -7.85 -25.15
C THR A 153 -10.83 -8.30 -25.46
N VAL A 154 -11.82 -7.61 -24.87
CA VAL A 154 -13.29 -7.83 -25.07
C VAL A 154 -13.68 -7.38 -26.48
N ARG A 155 -14.04 -8.35 -27.31
CA ARG A 155 -14.50 -8.13 -28.70
C ARG A 155 -16.01 -7.87 -28.69
N GLU A 156 -16.75 -8.67 -27.91
CA GLU A 156 -18.23 -8.82 -27.96
C GLU A 156 -18.69 -9.17 -26.55
N VAL A 157 -19.82 -8.64 -26.07
CA VAL A 157 -20.40 -9.04 -24.75
C VAL A 157 -21.62 -9.92 -25.02
N LEU A 158 -21.42 -11.22 -25.24
CA LEU A 158 -22.49 -12.13 -25.71
C LEU A 158 -23.66 -12.14 -24.72
N SER A 159 -23.35 -12.12 -23.42
CA SER A 159 -24.35 -12.13 -22.31
C SER A 159 -23.79 -11.37 -21.12
N ASP A 160 -24.40 -11.58 -19.95
CA ASP A 160 -23.90 -11.13 -18.62
C ASP A 160 -23.34 -12.37 -17.90
N ARG A 161 -22.02 -12.39 -17.67
CA ARG A 161 -21.26 -13.55 -17.12
C ARG A 161 -20.58 -14.31 -18.28
N GLU A 162 -20.73 -13.87 -19.54
CA GLU A 162 -20.12 -14.55 -20.71
C GLU A 162 -19.68 -13.57 -21.82
N LEU A 163 -18.42 -13.71 -22.27
CA LEU A 163 -17.67 -12.76 -23.15
C LEU A 163 -17.07 -13.48 -24.36
N HIS A 164 -16.72 -12.70 -25.38
CA HIS A 164 -15.89 -13.09 -26.55
C HIS A 164 -14.52 -12.39 -26.39
N LEU A 165 -13.43 -13.15 -26.35
CA LEU A 165 -12.10 -12.54 -26.12
C LEU A 165 -11.29 -12.54 -27.42
N SER A 166 -10.64 -11.40 -27.68
CA SER A 166 -9.63 -11.18 -28.73
C SER A 166 -8.26 -11.11 -28.03
N TRP A 167 -7.26 -11.81 -28.58
CA TRP A 167 -5.95 -12.09 -27.94
C TRP A 167 -4.80 -11.49 -28.76
N GLU A 168 -3.91 -10.76 -28.10
CA GLU A 168 -2.66 -10.19 -28.68
C GLU A 168 -1.92 -11.27 -29.48
N VAL A 169 -1.49 -10.95 -30.72
CA VAL A 169 -0.78 -11.88 -31.64
C VAL A 169 0.71 -11.92 -31.29
N GLY A 170 1.40 -12.98 -31.71
CA GLY A 170 2.85 -13.18 -31.51
C GLY A 170 3.20 -13.38 -30.05
N LYS A 171 2.25 -13.89 -29.25
CA LYS A 171 2.46 -14.23 -27.82
C LYS A 171 1.56 -15.40 -27.47
N PRO A 172 1.96 -16.27 -26.53
CA PRO A 172 1.06 -17.32 -26.05
C PRO A 172 -0.05 -16.70 -25.19
N ARG A 173 -1.15 -17.45 -25.02
CA ARG A 173 -2.30 -17.16 -24.13
C ARG A 173 -2.18 -18.03 -22.88
N PRO A 174 -2.43 -17.49 -21.67
CA PRO A 174 -2.41 -18.29 -20.45
C PRO A 174 -3.55 -19.30 -20.40
N PRO A 175 -3.39 -20.40 -19.63
CA PRO A 175 -4.52 -21.26 -19.26
C PRO A 175 -5.66 -20.48 -18.57
N LEU A 176 -6.89 -20.92 -18.80
CA LEU A 176 -8.12 -20.28 -18.30
C LEU A 176 -8.67 -21.13 -17.14
N ASN A 177 -7.99 -21.10 -15.99
CA ASN A 177 -8.47 -21.67 -14.70
C ASN A 177 -8.14 -20.70 -13.57
N ARG A 178 -8.70 -20.94 -12.38
CA ARG A 178 -8.70 -19.95 -11.26
C ARG A 178 -7.28 -19.79 -10.71
N ASN A 179 -6.28 -20.48 -11.29
CA ASN A 179 -4.83 -20.29 -10.98
C ASN A 179 -4.24 -19.21 -11.89
N TYR A 180 -5.05 -18.63 -12.77
CA TYR A 180 -4.69 -17.45 -13.60
C TYR A 180 -5.77 -16.39 -13.37
N VAL A 181 -5.45 -15.43 -12.48
CA VAL A 181 -6.34 -14.29 -12.08
C VAL A 181 -5.91 -13.06 -12.86
N PHE A 182 -6.86 -12.47 -13.61
CA PHE A 182 -6.63 -11.33 -14.53
C PHE A 182 -6.90 -10.04 -13.76
N THR A 183 -6.45 -8.91 -14.31
CA THR A 183 -7.02 -7.60 -13.95
C THR A 183 -7.56 -7.00 -15.23
N GLY A 184 -8.77 -6.48 -15.18
CA GLY A 184 -9.40 -5.77 -16.31
C GLY A 184 -8.95 -4.32 -16.31
N TYR A 185 -9.32 -3.59 -17.36
CA TYR A 185 -8.98 -2.16 -17.55
C TYR A 185 -9.97 -1.55 -18.53
N ARG A 186 -10.40 -0.30 -18.28
CA ARG A 186 -11.23 0.50 -19.22
C ARG A 186 -10.30 1.49 -19.95
N VAL A 187 -10.52 1.68 -21.26
CA VAL A 187 -9.70 2.55 -22.16
C VAL A 187 -10.05 4.00 -21.81
N THR A 188 -9.07 4.88 -21.54
CA THR A 188 -9.33 6.32 -21.19
C THR A 188 -8.61 7.28 -22.14
N LYS A 189 -8.99 8.56 -22.07
CA LYS A 189 -8.36 9.68 -22.80
C LYS A 189 -6.90 9.32 -23.08
N ASN A 190 -6.03 9.44 -22.07
CA ASN A 190 -4.55 9.35 -22.22
C ASN A 190 -3.97 8.37 -21.18
N SER A 191 -4.77 7.40 -20.68
CA SER A 191 -4.26 6.15 -20.04
C SER A 191 -5.39 5.14 -19.79
N LYS A 192 -5.25 4.28 -18.76
CA LYS A 192 -6.15 3.15 -18.40
C LYS A 192 -6.40 3.20 -16.88
N VAL A 193 -7.52 2.65 -16.40
CA VAL A 193 -7.73 2.46 -14.93
C VAL A 193 -8.27 1.05 -14.69
N GLN A 194 -7.95 0.48 -13.51
CA GLN A 194 -8.36 -0.88 -13.09
C GLN A 194 -9.88 -0.90 -12.96
N ILE A 195 -10.45 -2.10 -13.12
CA ILE A 195 -11.92 -2.33 -13.10
C ILE A 195 -12.16 -3.68 -12.40
N GLY A 196 -11.31 -4.01 -11.42
CA GLY A 196 -11.41 -5.25 -10.60
C GLY A 196 -10.53 -6.38 -11.16
N GLU A 197 -10.39 -7.47 -10.39
CA GLU A 197 -9.70 -8.71 -10.80
C GLU A 197 -10.76 -9.71 -11.31
N TYR A 198 -10.35 -10.61 -12.21
CA TYR A 198 -11.24 -11.50 -13.01
C TYR A 198 -10.59 -12.87 -13.13
N THR A 199 -11.40 -13.89 -13.41
CA THR A 199 -10.98 -15.25 -13.83
C THR A 199 -11.83 -15.70 -15.03
N PHE A 200 -11.33 -16.63 -15.82
CA PHE A 200 -11.99 -17.10 -17.07
C PHE A 200 -11.96 -18.63 -17.10
N GLU A 201 -12.79 -19.19 -17.98
CA GLU A 201 -13.02 -20.63 -18.21
C GLU A 201 -13.70 -20.76 -19.58
N LYS A 202 -13.34 -21.78 -20.39
CA LYS A 202 -13.89 -21.99 -21.76
C LYS A 202 -15.43 -21.97 -21.72
N GLY A 203 -16.08 -21.38 -22.74
CA GLY A 203 -17.50 -20.96 -22.71
C GLY A 203 -18.49 -22.03 -23.13
N ALA A 208 -15.92 -17.90 -27.08
CA ALA A 208 -16.65 -17.44 -25.87
C ALA A 208 -15.94 -17.91 -24.60
N VAL A 209 -16.16 -17.21 -23.48
CA VAL A 209 -15.50 -17.51 -22.18
C VAL A 209 -16.43 -17.11 -21.03
N VAL A 210 -16.59 -18.01 -20.05
CA VAL A 210 -17.23 -17.72 -18.74
C VAL A 210 -16.20 -16.91 -17.93
N TYR A 211 -16.62 -15.78 -17.33
CA TYR A 211 -15.77 -14.90 -16.49
C TYR A 211 -16.42 -14.72 -15.12
N ARG A 212 -15.65 -14.90 -14.03
CA ARG A 212 -16.09 -14.66 -12.63
C ARG A 212 -15.24 -13.53 -12.05
N GLY A 213 -15.83 -12.34 -11.86
CA GLY A 213 -15.09 -11.09 -11.59
C GLY A 213 -15.25 -10.62 -10.16
N THR A 214 -14.25 -9.86 -9.67
CA THR A 214 -14.10 -9.35 -8.28
C THR A 214 -15.23 -8.38 -7.91
N THR A 215 -15.69 -7.58 -8.86
CA THR A 215 -16.88 -6.70 -8.70
C THR A 215 -17.82 -6.95 -9.89
N THR A 216 -19.03 -6.38 -9.85
CA THR A 216 -20.00 -6.37 -10.98
C THR A 216 -19.84 -5.08 -11.81
N TYR A 217 -20.14 -5.14 -13.11
CA TYR A 217 -20.02 -4.04 -14.10
C TYR A 217 -20.91 -4.32 -15.31
N LYS A 218 -21.02 -3.31 -16.17
CA LYS A 218 -21.45 -3.43 -17.59
C LYS A 218 -20.19 -3.22 -18.44
N LEU A 219 -19.18 -4.09 -18.26
CA LEU A 219 -17.92 -4.03 -19.05
C LEU A 219 -18.25 -4.25 -20.53
N ASN A 220 -17.68 -3.41 -21.40
CA ASN A 220 -18.04 -3.34 -22.84
C ASN A 220 -16.76 -3.54 -23.66
N VAL A 221 -16.94 -3.72 -24.98
CA VAL A 221 -15.85 -3.91 -26.00
C VAL A 221 -14.68 -2.93 -25.73
N GLY A 222 -13.44 -3.41 -25.87
CA GLY A 222 -12.21 -2.62 -25.71
C GLY A 222 -11.62 -2.73 -24.31
N ASP A 223 -12.45 -3.07 -23.32
CA ASP A 223 -11.97 -3.54 -21.98
C ASP A 223 -11.02 -4.71 -22.23
N TYR A 224 -9.85 -4.68 -21.59
CA TYR A 224 -8.80 -5.70 -21.78
C TYR A 224 -8.30 -6.12 -20.41
N PHE A 225 -7.60 -7.26 -20.42
CA PHE A 225 -7.24 -8.04 -19.22
C PHE A 225 -5.81 -8.52 -19.32
N VAL A 226 -5.07 -8.32 -18.24
CA VAL A 226 -3.66 -8.80 -18.05
C VAL A 226 -3.61 -9.38 -16.65
N LEU A 227 -2.91 -10.51 -16.51
CA LEU A 227 -2.46 -11.07 -15.21
C LEU A 227 -1.60 -9.99 -14.56
N THR A 228 -2.10 -9.30 -13.54
CA THR A 228 -1.33 -8.20 -12.87
C THR A 228 -0.17 -8.89 -12.15
N SER A 229 1.07 -8.49 -12.47
CA SER A 229 2.29 -8.89 -11.76
C SER A 229 2.63 -7.81 -10.73
N HIS A 230 3.39 -8.14 -9.69
CA HIS A 230 3.77 -7.17 -8.63
C HIS A 230 5.28 -7.22 -8.39
N THR A 231 5.91 -6.03 -8.31
CA THR A 231 7.34 -5.86 -7.96
C THR A 231 7.63 -6.75 -6.76
N VAL A 232 8.63 -7.60 -6.92
CA VAL A 232 9.15 -8.54 -5.88
C VAL A 232 10.18 -7.76 -5.07
N MET A 233 9.96 -7.61 -3.77
CA MET A 233 10.94 -6.91 -2.88
C MET A 233 12.10 -7.84 -2.61
N PRO A 234 13.27 -7.30 -2.21
CA PRO A 234 14.39 -8.12 -1.75
C PRO A 234 14.08 -8.62 -0.34
N LEU A 235 14.54 -9.84 -0.07
CA LEU A 235 14.31 -10.56 1.20
C LEU A 235 15.54 -10.34 2.09
N SER A 236 15.31 -10.05 3.37
CA SER A 236 16.36 -9.92 4.42
C SER A 236 16.28 -11.11 5.38
N ALA A 237 15.14 -11.29 6.03
CA ALA A 237 14.93 -12.25 7.14
C ALA A 237 14.97 -13.71 6.65
N PRO A 238 15.46 -14.66 7.50
CA PRO A 238 15.51 -16.08 7.16
C PRO A 238 14.10 -16.71 7.12
N THR A 239 13.96 -17.90 6.55
CA THR A 239 12.66 -18.58 6.43
C THR A 239 12.22 -19.08 7.82
N LEU A 240 13.20 -19.50 8.62
CA LEU A 240 13.00 -19.87 10.03
C LEU A 240 13.96 -19.07 10.90
N VAL A 241 13.50 -18.63 12.07
CA VAL A 241 14.40 -17.97 13.05
C VAL A 241 15.26 -19.11 13.55
N PRO A 242 16.37 -18.84 14.26
CA PRO A 242 17.14 -19.90 14.93
C PRO A 242 16.24 -20.49 16.02
N GLN A 243 16.11 -21.82 16.07
CA GLN A 243 15.22 -22.47 17.05
C GLN A 243 15.82 -22.32 18.45
N GLU A 244 14.94 -22.35 19.44
CA GLU A 244 15.30 -22.39 20.88
C GLU A 244 14.33 -23.36 21.55
N HIS A 245 14.79 -24.07 22.58
CA HIS A 245 13.98 -24.86 23.52
C HIS A 245 14.14 -24.26 24.92
N TYR A 246 13.02 -24.08 25.62
CA TYR A 246 12.98 -23.47 26.97
C TYR A 246 12.63 -24.60 27.94
N VAL A 247 12.85 -24.31 29.21
CA VAL A 247 12.76 -25.32 30.31
C VAL A 247 11.51 -25.03 31.14
N ARG A 248 11.00 -23.80 31.02
CA ARG A 248 9.67 -23.33 31.46
C ARG A 248 8.95 -22.78 30.22
N ILE A 249 7.70 -22.33 30.38
CA ILE A 249 6.97 -21.49 29.38
C ILE A 249 7.62 -20.11 29.49
N THR A 250 7.86 -19.42 28.37
CA THR A 250 8.53 -18.09 28.33
C THR A 250 7.58 -16.98 27.86
N GLY A 251 7.45 -15.93 28.66
CA GLY A 251 6.78 -14.67 28.28
C GLY A 251 5.30 -14.86 28.00
N LEU A 252 4.74 -16.00 28.41
CA LEU A 252 3.29 -16.30 28.30
C LEU A 252 2.79 -16.69 29.69
N TYR A 253 1.55 -16.30 30.05
CA TYR A 253 0.92 -16.55 31.38
C TYR A 253 -0.35 -17.38 31.14
N PRO A 254 -0.30 -18.72 31.34
CA PRO A 254 -1.43 -19.58 31.07
C PRO A 254 -2.60 -19.27 31.99
N THR A 255 -3.81 -19.44 31.46
CA THR A 255 -5.06 -19.31 32.21
C THR A 255 -5.08 -20.36 33.33
N LEU A 256 -5.87 -20.13 34.38
CA LEU A 256 -6.03 -21.10 35.47
C LEU A 256 -7.27 -21.97 35.22
N ASN A 257 -8.34 -21.34 34.72
CA ASN A 257 -9.63 -21.97 34.30
C ASN A 257 -9.69 -21.96 32.77
N ILE A 258 -9.54 -23.09 32.08
CA ILE A 258 -9.84 -23.25 30.62
C ILE A 258 -11.16 -24.03 30.46
N SER A 259 -11.73 -24.09 29.26
CA SER A 259 -12.97 -24.84 28.96
C SER A 259 -12.65 -26.19 28.33
N ASP A 260 -13.51 -27.20 28.52
CA ASP A 260 -13.28 -28.61 28.07
C ASP A 260 -13.29 -28.71 26.54
N GLU A 261 -13.60 -27.61 25.85
CA GLU A 261 -13.52 -27.47 24.38
C GLU A 261 -12.05 -27.41 23.91
N PHE A 262 -11.15 -26.82 24.68
CA PHE A 262 -9.72 -26.58 24.31
C PHE A 262 -8.76 -27.38 25.19
N SER A 263 -9.30 -28.20 26.09
CA SER A 263 -8.55 -28.97 27.12
C SER A 263 -7.70 -30.07 26.46
N SER A 264 -8.12 -30.65 25.34
CA SER A 264 -7.28 -31.61 24.58
C SER A 264 -6.01 -30.91 24.05
N ASN A 265 -5.95 -29.58 23.99
CA ASN A 265 -4.79 -28.84 23.42
C ASN A 265 -3.90 -28.17 24.49
N VAL A 266 -4.15 -28.37 25.77
CA VAL A 266 -3.42 -27.68 26.87
C VAL A 266 -1.93 -28.10 26.82
N ALA A 267 -1.64 -29.41 26.73
CA ALA A 267 -0.27 -29.96 26.55
C ALA A 267 0.43 -29.23 25.40
N ASN A 268 -0.24 -29.15 24.23
CA ASN A 268 0.31 -28.57 22.98
C ASN A 268 0.59 -27.07 23.19
N TYR A 269 -0.32 -26.33 23.85
CA TYR A 269 -0.23 -24.86 24.06
C TYR A 269 0.94 -24.57 24.99
N GLN A 270 1.31 -25.54 25.83
CA GLN A 270 2.44 -25.39 26.78
C GLN A 270 3.73 -25.52 25.96
N LYS A 271 3.80 -26.59 25.16
CA LYS A 271 4.88 -26.86 24.18
C LYS A 271 5.15 -25.60 23.36
N VAL A 272 4.11 -24.95 22.86
CA VAL A 272 4.21 -23.66 22.12
C VAL A 272 4.95 -22.61 22.95
N GLY A 273 4.88 -22.68 24.27
CA GLY A 273 5.46 -21.65 25.15
C GLY A 273 6.87 -22.00 25.55
N MET A 274 7.28 -23.23 25.25
CA MET A 274 8.57 -23.78 25.69
C MET A 274 9.55 -23.89 24.52
N GLN A 275 9.23 -23.35 23.35
CA GLN A 275 10.17 -23.27 22.22
C GLN A 275 9.82 -22.04 21.35
N LYS A 276 10.80 -21.61 20.54
CA LYS A 276 10.74 -20.30 19.84
C LYS A 276 9.72 -20.42 18.71
N TYR A 277 9.75 -21.53 18.00
CA TYR A 277 8.73 -21.86 17.00
C TYR A 277 8.40 -23.33 17.11
N SER A 278 7.20 -23.67 16.65
CA SER A 278 6.60 -25.02 16.77
C SER A 278 5.72 -25.29 15.55
N THR A 279 5.83 -26.51 15.00
CA THR A 279 5.14 -26.99 13.80
C THR A 279 3.97 -27.85 14.26
N LEU A 280 2.74 -27.54 13.82
CA LEU A 280 1.49 -28.33 14.09
C LEU A 280 0.94 -28.87 12.79
N GLN A 281 0.85 -30.18 12.68
CA GLN A 281 0.29 -30.87 11.50
C GLN A 281 -1.15 -31.17 11.84
N GLY A 282 -2.04 -30.62 11.05
CA GLY A 282 -3.48 -30.73 11.31
C GLY A 282 -4.13 -31.27 10.05
N PRO A 283 -4.23 -32.62 9.99
CA PRO A 283 -4.98 -33.33 8.96
C PRO A 283 -6.38 -32.76 8.78
N PRO A 284 -7.12 -33.21 7.75
CA PRO A 284 -8.42 -32.65 7.46
C PRO A 284 -9.38 -32.80 8.63
N GLY A 285 -9.94 -31.67 9.13
CA GLY A 285 -10.99 -31.65 10.17
C GLY A 285 -10.50 -32.22 11.50
N THR A 286 -9.20 -32.06 11.78
CA THR A 286 -8.61 -32.34 13.11
C THR A 286 -8.62 -31.07 14.00
N GLY A 287 -9.03 -29.89 13.52
CA GLY A 287 -9.27 -28.73 14.42
C GLY A 287 -8.16 -27.68 14.47
N LYS A 288 -7.51 -27.38 13.36
CA LYS A 288 -6.36 -26.44 13.33
C LYS A 288 -6.81 -25.09 13.89
N SER A 289 -7.93 -24.53 13.40
CA SER A 289 -8.40 -23.14 13.73
C SER A 289 -8.86 -23.15 15.19
N HIS A 290 -9.61 -24.18 15.54
CA HIS A 290 -10.03 -24.44 16.93
C HIS A 290 -8.76 -24.34 17.79
N PHE A 291 -7.71 -25.07 17.40
CA PHE A 291 -6.38 -25.01 18.06
C PHE A 291 -5.86 -23.57 18.13
N ALA A 292 -5.89 -22.82 17.03
CA ALA A 292 -5.28 -21.49 16.86
C ALA A 292 -5.98 -20.43 17.72
N ILE A 293 -7.32 -20.44 17.82
CA ILE A 293 -8.12 -19.47 18.63
C ILE A 293 -8.00 -19.91 20.10
N GLY A 294 -8.15 -21.21 20.34
CA GLY A 294 -7.98 -21.84 21.66
C GLY A 294 -6.69 -21.42 22.35
N LEU A 295 -5.63 -21.24 21.59
CA LEU A 295 -4.30 -20.77 22.09
C LEU A 295 -4.46 -19.41 22.80
N ALA A 296 -5.39 -18.56 22.32
CA ALA A 296 -5.57 -17.19 22.82
C ALA A 296 -6.16 -17.27 24.21
N LEU A 297 -7.21 -18.06 24.32
CA LEU A 297 -7.93 -18.33 25.59
C LEU A 297 -6.98 -18.99 26.58
N TYR A 298 -6.05 -19.80 26.12
CA TYR A 298 -5.03 -20.41 27.02
C TYR A 298 -3.97 -19.39 27.43
N TYR A 299 -3.63 -18.38 26.59
CA TYR A 299 -2.74 -17.24 26.94
C TYR A 299 -3.48 -15.91 26.81
N PRO A 300 -4.49 -15.62 27.68
CA PRO A 300 -5.39 -14.47 27.50
C PRO A 300 -4.77 -13.06 27.43
N SER A 301 -3.59 -12.87 28.01
CA SER A 301 -2.85 -11.59 28.00
C SER A 301 -2.04 -11.47 26.71
N ALA A 302 -1.78 -12.59 26.06
CA ALA A 302 -0.84 -12.70 24.89
C ALA A 302 -1.39 -11.90 23.71
N ARG A 303 -0.55 -11.08 23.08
CA ARG A 303 -0.87 -10.41 21.78
C ARG A 303 -0.57 -11.44 20.71
N ILE A 304 -1.53 -11.72 19.81
CA ILE A 304 -1.41 -12.81 18.80
C ILE A 304 -1.78 -12.25 17.44
N VAL A 305 -0.78 -12.13 16.57
CA VAL A 305 -0.94 -11.92 15.10
C VAL A 305 -1.19 -13.29 14.47
N TYR A 306 -2.39 -13.48 13.93
CA TYR A 306 -2.79 -14.62 13.09
C TYR A 306 -2.53 -14.24 11.63
N THR A 307 -1.88 -15.10 10.87
CA THR A 307 -1.50 -14.76 9.49
C THR A 307 -1.63 -16.02 8.65
N ALA A 308 -1.77 -15.80 7.35
CA ALA A 308 -1.85 -16.82 6.29
C ALA A 308 -1.62 -16.14 4.94
N CYS A 309 -1.43 -16.95 3.91
CA CYS A 309 -1.15 -16.41 2.58
C CYS A 309 -2.44 -15.81 2.08
N SER A 310 -3.56 -16.56 2.19
CA SER A 310 -4.85 -16.22 1.52
C SER A 310 -5.76 -15.45 2.48
N HIS A 311 -6.38 -14.38 1.98
CA HIS A 311 -7.59 -13.77 2.57
C HIS A 311 -8.50 -14.87 3.12
N ALA A 312 -8.81 -15.89 2.31
CA ALA A 312 -9.72 -16.99 2.69
C ALA A 312 -9.27 -17.54 4.03
N ALA A 313 -7.97 -17.68 4.23
CA ALA A 313 -7.43 -18.48 5.36
C ALA A 313 -7.43 -17.59 6.59
N VAL A 314 -7.05 -16.34 6.39
CA VAL A 314 -7.10 -15.32 7.47
C VAL A 314 -8.56 -15.14 7.90
N ASP A 315 -9.51 -15.29 6.97
CA ASP A 315 -10.94 -14.97 7.22
C ASP A 315 -11.56 -16.08 8.09
N ALA A 316 -11.36 -17.34 7.68
CA ALA A 316 -11.71 -18.54 8.45
C ALA A 316 -11.13 -18.46 9.87
N LEU A 317 -9.92 -17.93 10.05
CA LEU A 317 -9.40 -17.67 11.41
C LEU A 317 -10.29 -16.61 12.09
N CYS A 318 -10.68 -15.54 11.37
CA CYS A 318 -11.57 -14.49 11.93
C CYS A 318 -12.94 -15.10 12.26
N GLU A 319 -13.47 -15.99 11.42
CA GLU A 319 -14.81 -16.55 11.69
C GLU A 319 -14.72 -17.27 13.04
N LYS A 320 -13.69 -18.09 13.19
CA LYS A 320 -13.51 -18.85 14.45
C LYS A 320 -13.28 -17.86 15.59
N ALA A 321 -12.48 -16.82 15.41
CA ALA A 321 -12.19 -15.82 16.47
C ALA A 321 -13.51 -15.21 16.95
N LEU A 322 -14.39 -14.89 16.01
CA LEU A 322 -15.68 -14.19 16.21
C LEU A 322 -16.57 -14.96 17.18
N LYS A 323 -16.29 -16.23 17.40
CA LYS A 323 -17.13 -17.15 18.20
C LYS A 323 -16.53 -17.37 19.61
N TYR A 324 -15.33 -16.83 19.90
CA TYR A 324 -14.61 -17.08 21.17
C TYR A 324 -13.88 -15.88 21.75
N LEU A 325 -13.42 -14.92 20.96
CA LEU A 325 -12.58 -13.80 21.43
C LEU A 325 -13.38 -12.51 21.45
N PRO A 326 -13.14 -11.57 22.39
CA PRO A 326 -13.85 -10.29 22.39
C PRO A 326 -13.60 -9.59 21.06
N ILE A 327 -14.67 -9.18 20.38
CA ILE A 327 -14.62 -8.53 19.03
C ILE A 327 -13.82 -7.24 19.14
N ASP A 328 -14.07 -6.44 20.18
CA ASP A 328 -13.42 -5.12 20.43
C ASP A 328 -11.89 -5.32 20.46
N LYS A 329 -11.39 -6.50 20.87
CA LYS A 329 -9.95 -6.85 21.01
C LYS A 329 -9.39 -7.50 19.74
N CYS A 330 -10.13 -7.52 18.63
CA CYS A 330 -9.67 -8.00 17.28
C CYS A 330 -9.61 -6.89 16.24
N SER A 331 -8.80 -7.07 15.20
CA SER A 331 -8.68 -6.14 14.04
C SER A 331 -8.27 -6.92 12.79
N ARG A 332 -8.89 -6.62 11.65
CA ARG A 332 -8.53 -7.19 10.33
C ARG A 332 -7.72 -6.15 9.54
N ILE A 333 -6.42 -6.40 9.35
CA ILE A 333 -5.54 -5.60 8.45
C ILE A 333 -5.93 -5.92 7.01
N ILE A 334 -6.15 -4.87 6.19
CA ILE A 334 -6.54 -4.89 4.74
C ILE A 334 -5.80 -3.76 4.05
N PRO A 335 -5.05 -4.05 2.95
CA PRO A 335 -4.39 -3.01 2.17
C PRO A 335 -5.37 -2.26 1.25
N ALA A 336 -5.24 -0.93 1.17
CA ALA A 336 -6.07 0.01 0.35
C ALA A 336 -5.74 -0.17 -1.14
N VAL A 340 -10.79 -6.79 -3.34
CA VAL A 340 -11.27 -8.14 -2.94
C VAL A 340 -11.93 -8.06 -1.56
N GLU A 341 -13.20 -8.46 -1.47
CA GLU A 341 -14.03 -8.35 -0.24
C GLU A 341 -13.66 -9.47 0.71
N CYS A 342 -13.01 -9.12 1.81
CA CYS A 342 -12.64 -10.01 2.94
C CYS A 342 -13.45 -9.61 4.19
N PHE A 343 -13.38 -10.46 5.22
CA PHE A 343 -14.05 -10.33 6.55
C PHE A 343 -14.09 -8.88 7.05
N ASP A 344 -15.29 -8.40 7.42
CA ASP A 344 -15.55 -6.97 7.76
C ASP A 344 -16.37 -6.84 9.06
N LYS A 345 -16.04 -7.60 10.10
CA LYS A 345 -16.72 -7.51 11.43
C LYS A 345 -15.77 -7.07 12.55
N PHE A 346 -14.50 -6.75 12.26
CA PHE A 346 -13.53 -6.25 13.26
C PHE A 346 -13.13 -4.87 12.81
N LYS A 347 -12.71 -3.96 13.71
CA LYS A 347 -12.19 -2.63 13.28
C LYS A 347 -11.03 -2.91 12.30
N VAL A 348 -11.02 -2.21 11.15
CA VAL A 348 -10.09 -2.42 10.00
C VAL A 348 -8.78 -1.69 10.28
N ASN A 349 -7.64 -2.36 10.04
CA ASN A 349 -6.27 -1.78 9.96
C ASN A 349 -5.95 -1.09 11.28
N SER A 350 -6.21 -1.76 12.39
CA SER A 350 -5.82 -1.35 13.77
C SER A 350 -4.72 -2.29 14.27
N THR A 351 -3.46 -1.91 14.06
CA THR A 351 -2.25 -2.75 14.29
C THR A 351 -2.04 -2.93 15.80
N LEU A 352 -2.38 -1.96 16.63
CA LEU A 352 -2.05 -2.02 18.08
C LEU A 352 -3.09 -2.85 18.84
N GLU A 353 -4.13 -3.34 18.15
CA GLU A 353 -5.17 -4.28 18.67
C GLU A 353 -4.56 -5.62 19.08
N GLN A 354 -5.04 -6.23 20.18
CA GLN A 354 -4.48 -7.46 20.81
C GLN A 354 -4.44 -8.60 19.81
N TYR A 355 -5.53 -8.81 19.07
CA TYR A 355 -5.67 -9.94 18.14
C TYR A 355 -5.72 -9.45 16.70
N VAL A 356 -4.61 -9.54 15.97
CA VAL A 356 -4.48 -9.00 14.57
C VAL A 356 -4.54 -10.17 13.57
N PHE A 357 -5.42 -10.06 12.57
CA PHE A 357 -5.63 -11.05 11.48
C PHE A 357 -5.32 -10.37 10.16
N CYS A 358 -4.40 -10.90 9.38
CA CYS A 358 -3.76 -10.14 8.30
C CYS A 358 -3.04 -11.13 7.38
N THR A 359 -3.17 -10.97 6.08
CA THR A 359 -2.40 -11.79 5.12
C THR A 359 -0.93 -11.42 5.31
N VAL A 360 -0.06 -12.29 4.80
CA VAL A 360 1.42 -12.12 4.86
C VAL A 360 1.81 -10.81 4.17
N ASN A 361 1.41 -10.61 2.93
CA ASN A 361 1.99 -9.52 2.09
C ASN A 361 1.46 -8.16 2.58
N ALA A 362 0.45 -8.12 3.46
CA ALA A 362 -0.14 -6.90 4.02
C ALA A 362 0.26 -6.70 5.49
N LEU A 363 1.14 -7.54 6.02
CA LEU A 363 1.56 -7.45 7.44
C LEU A 363 2.27 -6.14 7.67
N PRO A 364 1.99 -5.46 8.79
CA PRO A 364 2.84 -4.38 9.26
C PRO A 364 4.06 -4.87 10.05
N GLU A 365 5.17 -4.15 9.94
CA GLU A 365 6.31 -4.27 10.88
C GLU A 365 5.71 -4.06 12.28
N THR A 366 5.77 -5.08 13.12
CA THR A 366 5.24 -5.06 14.50
C THR A 366 5.76 -6.30 15.24
N THR A 367 5.70 -6.25 16.56
CA THR A 367 6.08 -7.33 17.50
C THR A 367 4.79 -8.00 17.96
N ALA A 368 4.88 -9.21 18.51
CA ALA A 368 3.72 -9.95 19.09
C ALA A 368 4.22 -10.98 20.11
N ASP A 369 3.37 -11.34 21.06
CA ASP A 369 3.63 -12.45 22.01
C ASP A 369 3.70 -13.75 21.20
N ILE A 370 2.65 -14.09 20.46
CA ILE A 370 2.66 -15.26 19.53
C ILE A 370 2.29 -14.83 18.11
N VAL A 371 2.95 -15.44 17.13
CA VAL A 371 2.52 -15.36 15.70
C VAL A 371 2.00 -16.74 15.27
N VAL A 372 0.76 -16.81 14.75
CA VAL A 372 0.12 -18.06 14.23
C VAL A 372 0.04 -17.89 12.72
N PHE A 373 0.87 -18.61 11.97
CA PHE A 373 0.87 -18.69 10.49
C PHE A 373 0.11 -19.98 10.14
N ASP A 374 -0.99 -19.91 9.36
CA ASP A 374 -1.89 -21.06 9.07
C ASP A 374 -1.73 -21.49 7.59
N GLU A 375 -2.29 -22.65 7.27
CA GLU A 375 -2.27 -23.29 5.92
C GLU A 375 -0.82 -23.25 5.38
N ILE A 376 0.12 -23.83 6.12
CA ILE A 376 1.59 -23.66 5.87
C ILE A 376 2.01 -24.39 4.59
N SER A 377 1.32 -25.46 4.18
CA SER A 377 1.66 -26.20 2.94
C SER A 377 1.55 -25.23 1.74
N MET A 378 0.76 -24.14 1.86
CA MET A 378 0.54 -23.11 0.81
C MET A 378 1.57 -21.98 0.88
N ALA A 379 2.44 -21.97 1.88
CA ALA A 379 3.46 -20.91 2.05
C ALA A 379 4.68 -21.26 1.20
N THR A 380 5.26 -20.25 0.55
CA THR A 380 6.59 -20.32 -0.11
C THR A 380 7.64 -19.79 0.86
N ASN A 381 8.91 -20.05 0.55
CA ASN A 381 10.02 -19.56 1.40
C ASN A 381 9.94 -18.02 1.38
N TYR A 382 9.44 -17.44 0.29
CA TYR A 382 9.24 -15.98 0.15
C TYR A 382 8.38 -15.50 1.34
N ASP A 383 7.24 -16.13 1.56
CA ASP A 383 6.24 -15.72 2.60
C ASP A 383 6.87 -15.91 4.00
N LEU A 384 7.57 -17.03 4.18
CA LEU A 384 8.27 -17.34 5.44
C LEU A 384 9.15 -16.16 5.82
N SER A 385 10.05 -15.75 4.93
CA SER A 385 10.99 -14.61 5.13
C SER A 385 10.21 -13.35 5.47
N VAL A 386 9.10 -13.09 4.76
CA VAL A 386 8.35 -11.82 4.91
C VAL A 386 7.82 -11.75 6.34
N VAL A 387 7.26 -12.86 6.82
CA VAL A 387 6.68 -12.92 8.17
C VAL A 387 7.78 -12.59 9.16
N ASN A 388 8.93 -13.25 9.01
CA ASN A 388 10.10 -13.08 9.93
C ASN A 388 10.60 -11.63 9.82
N ALA A 389 10.50 -11.04 8.63
CA ALA A 389 10.96 -9.66 8.37
C ALA A 389 10.01 -8.67 9.05
N ARG A 390 8.69 -8.88 8.99
CA ARG A 390 7.67 -7.91 9.47
C ARG A 390 7.39 -8.16 10.96
N LEU A 391 7.32 -9.43 11.42
CA LEU A 391 6.89 -9.81 12.81
C LEU A 391 8.04 -10.38 13.65
N ARG A 392 8.49 -9.66 14.67
CA ARG A 392 9.38 -10.19 15.74
C ARG A 392 8.48 -10.66 16.89
N ALA A 393 8.53 -11.94 17.22
CA ALA A 393 7.62 -12.55 18.21
C ALA A 393 8.40 -13.42 19.21
N LYS A 394 7.90 -13.52 20.43
CA LYS A 394 8.43 -14.47 21.44
C LYS A 394 8.24 -15.90 20.93
N HIS A 395 7.18 -16.16 20.18
CA HIS A 395 6.75 -17.55 19.83
C HIS A 395 6.10 -17.52 18.47
N TYR A 396 6.49 -18.43 17.59
CA TYR A 396 5.96 -18.61 16.22
C TYR A 396 5.39 -20.02 16.12
N VAL A 397 4.11 -20.13 15.76
CA VAL A 397 3.44 -21.44 15.55
C VAL A 397 3.10 -21.52 14.07
N TYR A 398 3.48 -22.62 13.42
CA TYR A 398 3.23 -22.89 11.99
C TYR A 398 2.28 -24.09 11.88
N ILE A 399 1.00 -23.77 11.79
CA ILE A 399 -0.13 -24.73 11.62
C ILE A 399 -0.34 -24.96 10.13
N GLY A 400 -0.60 -26.21 9.75
CA GLY A 400 -0.81 -26.62 8.35
C GLY A 400 -0.78 -28.15 8.23
N ASP A 401 -0.58 -28.68 7.03
CA ASP A 401 -0.50 -30.16 6.83
C ASP A 401 0.32 -30.39 5.56
N PRO A 402 1.57 -30.85 5.67
CA PRO A 402 2.36 -31.11 4.48
C PRO A 402 1.85 -32.29 3.64
N ALA A 403 0.71 -32.86 3.97
CA ALA A 403 0.04 -33.90 3.14
C ALA A 403 -1.08 -33.26 2.31
N GLN A 404 -1.22 -31.94 2.43
CA GLN A 404 -2.24 -31.16 1.70
C GLN A 404 -1.51 -30.39 0.59
N LEU A 405 -2.19 -29.43 -0.03
CA LEU A 405 -1.72 -28.88 -1.32
C LEU A 405 -0.78 -27.72 -1.07
N PRO A 406 0.30 -27.66 -1.87
CA PRO A 406 1.22 -26.53 -1.82
C PRO A 406 0.67 -25.35 -2.61
N ALA A 407 1.38 -24.23 -2.63
CA ALA A 407 1.19 -23.14 -3.61
C ALA A 407 1.48 -23.71 -5.00
N PRO A 408 0.65 -23.38 -6.02
CA PRO A 408 0.97 -23.79 -7.37
C PRO A 408 2.34 -23.23 -7.78
N ARG A 409 3.18 -24.05 -8.43
CA ARG A 409 4.45 -23.61 -9.09
C ARG A 409 4.21 -23.65 -10.61
N THR A 410 3.81 -22.52 -11.18
CA THR A 410 3.27 -22.43 -12.55
C THR A 410 4.36 -22.87 -13.52
N LEU A 411 5.61 -22.47 -13.24
CA LEU A 411 6.77 -22.72 -14.14
C LEU A 411 7.13 -24.20 -14.12
N LEU A 412 6.66 -24.97 -13.14
CA LEU A 412 7.19 -26.35 -12.93
C LEU A 412 6.45 -27.29 -13.89
N THR A 413 7.19 -28.12 -14.63
CA THR A 413 6.66 -29.10 -15.62
C THR A 413 7.40 -30.44 -15.50
N LYS A 414 8.73 -30.46 -15.34
CA LYS A 414 9.57 -31.70 -15.24
C LYS A 414 9.81 -32.08 -13.76
N GLY A 415 9.25 -33.23 -13.35
CA GLY A 415 9.32 -33.76 -11.97
C GLY A 415 8.12 -33.33 -11.16
N THR A 416 7.91 -33.95 -10.00
CA THR A 416 6.89 -33.57 -8.99
C THR A 416 7.58 -32.90 -7.81
N LEU A 417 6.89 -32.01 -7.10
CA LEU A 417 7.47 -31.30 -5.92
C LEU A 417 7.01 -32.00 -4.63
N GLU A 418 7.92 -32.66 -3.92
CA GLU A 418 7.55 -33.43 -2.71
C GLU A 418 7.24 -32.48 -1.56
N PRO A 419 6.35 -32.91 -0.64
CA PRO A 419 6.01 -32.09 0.52
C PRO A 419 7.26 -31.58 1.28
N GLU A 420 8.32 -32.37 1.35
CA GLU A 420 9.54 -31.97 2.09
C GLU A 420 10.24 -30.79 1.39
N TYR A 421 9.72 -30.34 0.24
CA TYR A 421 10.32 -29.26 -0.58
C TYR A 421 9.30 -28.16 -0.89
N PHE A 422 8.13 -28.15 -0.24
CA PHE A 422 7.14 -27.04 -0.34
C PHE A 422 7.73 -25.79 0.29
N ASN A 423 8.29 -25.88 1.50
CA ASN A 423 8.90 -24.70 2.18
C ASN A 423 9.78 -25.19 3.35
N SER A 424 10.47 -24.28 4.04
CA SER A 424 11.41 -24.59 5.16
C SER A 424 10.64 -25.33 6.26
N VAL A 425 9.42 -24.85 6.56
CA VAL A 425 8.56 -25.48 7.59
C VAL A 425 8.20 -26.90 7.16
N CYS A 426 7.81 -27.16 5.92
CA CYS A 426 7.30 -28.51 5.55
C CYS A 426 8.48 -29.49 5.46
N ARG A 427 9.60 -29.03 4.91
CA ARG A 427 10.89 -29.76 5.04
C ARG A 427 11.05 -30.26 6.48
N LEU A 428 11.01 -29.37 7.49
CA LEU A 428 11.14 -29.78 8.92
C LEU A 428 10.12 -30.87 9.25
N MET A 429 8.85 -30.68 8.89
CA MET A 429 7.79 -31.61 9.35
C MET A 429 7.98 -32.98 8.71
N LYS A 430 8.62 -33.05 7.54
CA LYS A 430 8.77 -34.33 6.81
C LYS A 430 10.09 -35.03 7.15
N THR A 431 11.05 -34.30 7.74
CA THR A 431 12.42 -34.84 8.02
C THR A 431 12.53 -35.19 9.51
N ILE A 432 12.21 -34.29 10.43
CA ILE A 432 12.28 -34.49 11.92
C ILE A 432 10.88 -34.63 12.57
N GLY A 433 9.81 -34.75 11.75
CA GLY A 433 8.39 -34.77 12.18
C GLY A 433 7.93 -33.42 12.74
N PRO A 434 6.61 -33.17 12.89
CA PRO A 434 6.11 -31.95 13.54
C PRO A 434 6.11 -31.92 15.08
N ASP A 435 6.31 -30.75 15.67
CA ASP A 435 6.24 -30.58 17.15
C ASP A 435 4.93 -31.13 17.69
N MET A 436 3.82 -30.97 16.96
CA MET A 436 2.50 -31.42 17.47
C MET A 436 1.66 -31.98 16.33
N PHE A 437 0.72 -32.86 16.66
CA PHE A 437 -0.14 -33.58 15.69
C PHE A 437 -1.57 -33.65 16.21
N LEU A 438 -2.54 -33.01 15.54
CA LEU A 438 -3.97 -33.24 15.80
C LEU A 438 -4.36 -34.58 15.13
N GLY A 439 -4.60 -35.62 15.92
CA GLY A 439 -4.63 -37.03 15.48
C GLY A 439 -6.04 -37.54 15.31
N THR A 440 -7.07 -36.74 15.62
CA THR A 440 -8.47 -37.22 15.53
C THR A 440 -9.28 -36.38 14.53
N CYS A 441 -9.72 -37.04 13.46
CA CYS A 441 -10.54 -36.44 12.37
C CYS A 441 -12.02 -36.47 12.78
N ARG A 442 -12.66 -35.31 12.87
CA ARG A 442 -14.06 -35.16 13.35
C ARG A 442 -15.03 -35.17 12.16
N ARG A 443 -14.49 -35.05 10.95
CA ARG A 443 -15.29 -34.70 9.75
C ARG A 443 -15.70 -35.97 9.02
N CYS A 444 -14.73 -36.79 8.65
CA CYS A 444 -14.95 -37.79 7.57
C CYS A 444 -15.47 -39.10 8.16
N PRO A 445 -16.20 -39.92 7.38
CA PRO A 445 -16.43 -41.33 7.74
C PRO A 445 -15.14 -42.15 7.90
N ALA A 446 -15.20 -43.18 8.74
CA ALA A 446 -14.05 -44.02 9.10
C ALA A 446 -13.32 -44.47 7.84
N GLU A 447 -14.07 -44.83 6.78
CA GLU A 447 -13.50 -45.44 5.56
C GLU A 447 -12.46 -44.52 4.91
N ILE A 448 -12.80 -43.22 4.86
CA ILE A 448 -11.99 -42.11 4.28
C ILE A 448 -10.80 -41.85 5.20
N VAL A 449 -11.05 -41.79 6.52
CA VAL A 449 -9.99 -41.55 7.54
C VAL A 449 -8.96 -42.71 7.50
N ASP A 450 -9.44 -43.95 7.50
CA ASP A 450 -8.58 -45.16 7.44
C ASP A 450 -7.69 -45.02 6.21
N THR A 451 -8.25 -44.60 5.08
CA THR A 451 -7.62 -44.62 3.75
C THR A 451 -6.44 -43.65 3.76
N VAL A 452 -6.62 -42.47 4.33
CA VAL A 452 -5.62 -41.38 4.24
C VAL A 452 -4.66 -41.49 5.42
N SER A 453 -5.10 -42.04 6.54
CA SER A 453 -4.19 -42.37 7.65
C SER A 453 -3.06 -43.22 7.07
N ALA A 454 -3.38 -44.36 6.47
CA ALA A 454 -2.46 -45.26 5.72
C ALA A 454 -1.77 -44.50 4.59
N LEU A 455 -2.51 -43.75 3.80
CA LEU A 455 -1.98 -43.16 2.53
C LEU A 455 -0.82 -42.20 2.81
N VAL A 456 -0.98 -41.31 3.81
CA VAL A 456 -0.11 -40.10 3.97
C VAL A 456 0.11 -39.70 5.45
N TYR A 457 -0.43 -40.41 6.44
CA TYR A 457 -0.29 -39.99 7.86
C TYR A 457 0.31 -41.09 8.72
N ASP A 458 0.97 -42.10 8.14
CA ASP A 458 1.68 -43.18 8.89
C ASP A 458 0.74 -43.90 9.88
N ASN A 459 -0.56 -43.94 9.61
CA ASN A 459 -1.52 -44.77 10.38
C ASN A 459 -1.67 -44.18 11.79
N LYS A 460 -1.51 -42.87 11.93
CA LYS A 460 -1.68 -42.18 13.23
C LYS A 460 -2.86 -41.20 13.16
N LEU A 461 -3.73 -41.30 12.15
CA LEU A 461 -4.93 -40.47 12.08
C LEU A 461 -6.10 -41.39 12.37
N LYS A 462 -6.83 -41.10 13.46
CA LYS A 462 -7.95 -41.91 14.03
C LYS A 462 -9.30 -41.25 13.66
N ALA A 463 -10.34 -42.05 13.49
CA ALA A 463 -11.67 -41.56 13.05
C ALA A 463 -12.54 -41.30 14.29
N HIS A 464 -12.93 -40.05 14.54
CA HIS A 464 -13.99 -39.70 15.51
C HIS A 464 -15.34 -40.32 15.09
N LYS A 465 -15.70 -40.32 13.80
CA LYS A 465 -17.00 -40.84 13.32
C LYS A 465 -16.88 -42.33 13.05
N ASP A 466 -18.01 -43.05 12.97
CA ASP A 466 -18.04 -44.47 12.54
C ASP A 466 -17.85 -44.59 11.03
N LYS A 467 -17.74 -45.82 10.50
CA LYS A 467 -18.05 -46.06 9.07
C LYS A 467 -19.43 -45.42 8.79
N SER A 468 -19.58 -44.74 7.64
CA SER A 468 -20.86 -44.24 7.08
C SER A 468 -21.53 -45.32 6.20
N ALA A 469 -20.77 -46.30 5.75
CA ALA A 469 -21.17 -47.28 4.71
C ALA A 469 -21.70 -46.50 3.50
N GLN A 470 -21.26 -45.27 3.32
CA GLN A 470 -21.73 -44.45 2.19
C GLN A 470 -20.53 -44.01 1.33
N CYS A 471 -19.39 -44.69 1.46
CA CYS A 471 -18.19 -44.43 0.65
C CYS A 471 -18.04 -45.52 -0.43
N PHE A 472 -18.12 -45.15 -1.71
CA PHE A 472 -18.02 -46.10 -2.85
C PHE A 472 -16.85 -45.73 -3.76
N LYS A 473 -16.34 -46.74 -4.49
CA LYS A 473 -15.28 -46.59 -5.52
C LYS A 473 -15.60 -47.47 -6.72
N MET A 474 -15.43 -46.92 -7.93
N MET A 474 -15.38 -46.92 -7.93
CA MET A 474 -15.52 -47.68 -9.20
CA MET A 474 -15.53 -47.62 -9.23
C MET A 474 -14.22 -47.48 -9.99
C MET A 474 -14.24 -47.45 -10.02
N PHE A 475 -13.77 -48.52 -10.67
CA PHE A 475 -12.63 -48.46 -11.60
C PHE A 475 -13.21 -48.32 -13.00
N TYR A 476 -13.17 -47.09 -13.53
CA TYR A 476 -13.67 -46.73 -14.86
C TYR A 476 -12.69 -45.78 -15.57
N LYS A 477 -11.94 -46.29 -16.54
CA LYS A 477 -11.00 -45.47 -17.34
C LYS A 477 -11.80 -44.54 -18.24
N GLY A 478 -12.79 -45.12 -18.93
CA GLY A 478 -13.65 -44.35 -19.83
C GLY A 478 -12.84 -43.79 -20.99
N VAL A 479 -12.94 -42.49 -21.26
CA VAL A 479 -12.35 -41.91 -22.51
C VAL A 479 -11.83 -40.50 -22.18
N ILE A 480 -10.56 -40.25 -22.43
CA ILE A 480 -9.95 -38.96 -22.06
C ILE A 480 -9.84 -38.13 -23.32
N THR A 481 -10.40 -36.92 -23.29
CA THR A 481 -10.25 -35.88 -24.33
C THR A 481 -9.50 -34.72 -23.67
N HIS A 482 -8.75 -33.98 -24.50
CA HIS A 482 -7.92 -32.83 -24.09
C HIS A 482 -8.39 -31.60 -24.85
N ASP A 483 -8.67 -30.54 -24.12
CA ASP A 483 -8.76 -29.17 -24.68
C ASP A 483 -7.39 -28.55 -24.42
N VAL A 484 -7.30 -27.21 -24.48
CA VAL A 484 -6.03 -26.47 -24.66
C VAL A 484 -5.06 -26.75 -23.50
N SER A 485 -5.58 -26.99 -22.28
CA SER A 485 -4.80 -26.98 -21.01
C SER A 485 -5.52 -27.74 -19.88
N SER A 486 -6.49 -28.58 -20.23
CA SER A 486 -7.37 -29.26 -19.26
C SER A 486 -7.76 -30.62 -19.87
N ALA A 487 -8.27 -31.53 -19.05
CA ALA A 487 -8.77 -32.86 -19.40
C ALA A 487 -10.29 -32.95 -19.16
N ILE A 488 -10.94 -33.78 -19.97
CA ILE A 488 -12.39 -34.09 -19.87
C ILE A 488 -12.50 -35.62 -20.03
N ASN A 489 -13.38 -36.22 -19.22
CA ASN A 489 -13.68 -37.69 -19.23
C ASN A 489 -15.20 -37.84 -19.12
N ARG A 490 -15.87 -37.70 -20.27
CA ARG A 490 -17.35 -37.66 -20.36
C ARG A 490 -17.94 -38.97 -19.86
N PRO A 491 -17.37 -40.14 -20.21
CA PRO A 491 -17.90 -41.39 -19.71
C PRO A 491 -17.82 -41.52 -18.17
N GLN A 492 -16.81 -40.95 -17.52
CA GLN A 492 -16.79 -40.88 -16.03
C GLN A 492 -17.98 -40.03 -15.54
N ILE A 493 -18.25 -38.91 -16.21
CA ILE A 493 -19.45 -38.06 -15.90
C ILE A 493 -20.72 -38.85 -16.25
N GLY A 494 -20.69 -39.65 -17.32
CA GLY A 494 -21.82 -40.53 -17.64
C GLY A 494 -22.11 -41.44 -16.46
N VAL A 495 -21.08 -42.12 -15.97
CA VAL A 495 -21.24 -43.14 -14.90
C VAL A 495 -21.89 -42.44 -13.69
N VAL A 496 -21.42 -41.24 -13.35
CA VAL A 496 -21.95 -40.40 -12.24
C VAL A 496 -23.42 -40.09 -12.52
N ARG A 497 -23.77 -39.66 -13.74
CA ARG A 497 -25.18 -39.39 -14.14
C ARG A 497 -26.03 -40.62 -13.84
N GLU A 498 -25.53 -41.82 -14.18
CA GLU A 498 -26.26 -43.11 -14.09
C GLU A 498 -26.41 -43.49 -12.62
N PHE A 499 -25.36 -43.30 -11.83
CA PHE A 499 -25.37 -43.47 -10.35
C PHE A 499 -26.40 -42.55 -9.69
N LEU A 500 -26.43 -41.29 -10.10
CA LEU A 500 -27.37 -40.30 -9.51
C LEU A 500 -28.80 -40.79 -9.76
N THR A 501 -29.18 -41.23 -10.98
CA THR A 501 -30.58 -41.65 -11.30
C THR A 501 -30.98 -42.75 -10.31
N ARG A 502 -30.08 -43.71 -10.05
CA ARG A 502 -30.29 -44.84 -9.11
C ARG A 502 -30.10 -44.38 -7.65
N ASN A 503 -29.48 -43.22 -7.36
CA ASN A 503 -29.17 -42.80 -5.97
C ASN A 503 -29.54 -41.32 -5.81
N PRO A 504 -30.80 -40.95 -6.07
CA PRO A 504 -31.12 -39.53 -6.16
C PRO A 504 -30.77 -38.69 -4.93
N ALA A 505 -30.64 -39.27 -3.74
CA ALA A 505 -30.29 -38.50 -2.51
C ALA A 505 -28.93 -37.83 -2.72
N TRP A 506 -28.07 -38.44 -3.56
CA TRP A 506 -26.71 -37.92 -3.89
C TRP A 506 -26.76 -36.65 -4.74
N ARG A 507 -27.95 -36.12 -5.02
CA ARG A 507 -28.09 -34.89 -5.81
C ARG A 507 -27.69 -33.72 -4.94
N LYS A 508 -27.63 -33.89 -3.63
CA LYS A 508 -27.12 -32.82 -2.72
C LYS A 508 -25.57 -32.79 -2.76
N ALA A 509 -24.89 -33.67 -3.50
CA ALA A 509 -23.41 -33.77 -3.53
C ALA A 509 -22.77 -32.58 -4.27
N VAL A 510 -21.54 -32.25 -3.88
CA VAL A 510 -20.56 -31.41 -4.64
C VAL A 510 -19.81 -32.31 -5.62
N PHE A 511 -19.53 -31.85 -6.84
CA PHE A 511 -18.69 -32.58 -7.82
C PHE A 511 -17.25 -32.08 -7.73
N ILE A 512 -16.30 -32.92 -7.34
CA ILE A 512 -14.85 -32.53 -7.37
C ILE A 512 -14.13 -33.33 -8.47
N SER A 513 -13.27 -32.66 -9.21
CA SER A 513 -12.35 -33.30 -10.17
C SER A 513 -11.02 -32.57 -10.16
N PRO A 514 -9.95 -33.16 -10.70
CA PRO A 514 -8.67 -32.46 -10.74
C PRO A 514 -8.47 -31.63 -12.00
N TYR A 515 -9.55 -31.25 -12.67
CA TYR A 515 -9.55 -30.43 -13.90
C TYR A 515 -10.82 -29.59 -13.99
N ASN A 516 -10.66 -28.26 -14.08
CA ASN A 516 -11.79 -27.29 -14.20
C ASN A 516 -12.63 -27.56 -15.46
N SER A 517 -12.05 -28.17 -16.50
CA SER A 517 -12.80 -28.51 -17.73
C SER A 517 -13.77 -29.64 -17.42
N GLN A 518 -13.29 -30.71 -16.77
CA GLN A 518 -14.19 -31.82 -16.36
C GLN A 518 -15.35 -31.17 -15.58
N ASN A 519 -14.98 -30.35 -14.60
CA ASN A 519 -15.94 -29.59 -13.76
C ASN A 519 -17.01 -28.90 -14.62
N ALA A 520 -16.60 -28.23 -15.70
CA ALA A 520 -17.52 -27.40 -16.51
C ALA A 520 -18.54 -28.33 -17.19
N VAL A 521 -18.05 -29.46 -17.71
CA VAL A 521 -18.89 -30.45 -18.43
C VAL A 521 -19.87 -31.03 -17.41
N ALA A 522 -19.34 -31.45 -16.25
CA ALA A 522 -20.12 -32.03 -15.13
C ALA A 522 -21.29 -31.11 -14.78
N SER A 523 -21.00 -29.81 -14.64
CA SER A 523 -21.95 -28.75 -14.25
C SER A 523 -23.15 -28.75 -15.20
N LYS A 524 -22.88 -28.74 -16.50
CA LYS A 524 -23.90 -28.72 -17.58
C LYS A 524 -24.69 -30.04 -17.58
N ILE A 525 -24.10 -31.19 -17.20
CA ILE A 525 -24.74 -32.55 -17.36
C ILE A 525 -25.35 -33.07 -16.04
N LEU A 526 -24.86 -32.63 -14.90
CA LEU A 526 -25.30 -33.11 -13.57
C LEU A 526 -25.97 -31.95 -12.84
N GLY A 527 -25.57 -30.72 -13.13
CA GLY A 527 -25.96 -29.57 -12.32
C GLY A 527 -25.65 -29.75 -10.82
N LEU A 528 -24.67 -30.58 -10.47
CA LEU A 528 -24.02 -30.50 -9.13
C LEU A 528 -23.17 -29.24 -9.05
N PRO A 529 -23.02 -28.59 -7.87
CA PRO A 529 -21.99 -27.57 -7.68
C PRO A 529 -20.63 -28.26 -7.83
N THR A 530 -19.63 -27.55 -8.36
CA THR A 530 -18.31 -28.14 -8.70
C THR A 530 -17.21 -27.35 -7.97
N GLN A 531 -16.12 -28.03 -7.63
CA GLN A 531 -14.84 -27.48 -7.14
C GLN A 531 -13.70 -28.26 -7.79
N THR A 532 -12.58 -27.62 -8.07
CA THR A 532 -11.34 -28.42 -8.30
C THR A 532 -10.81 -28.77 -6.92
N VAL A 533 -10.14 -29.91 -6.78
CA VAL A 533 -9.48 -30.32 -5.50
C VAL A 533 -8.84 -29.10 -4.84
N ASP A 534 -8.11 -28.31 -5.63
CA ASP A 534 -7.32 -27.14 -5.20
C ASP A 534 -8.28 -26.05 -4.69
N SER A 535 -9.42 -25.91 -5.35
CA SER A 535 -10.45 -24.91 -4.99
C SER A 535 -11.24 -25.43 -3.81
N SER A 536 -11.16 -26.73 -3.53
CA SER A 536 -11.98 -27.40 -2.48
C SER A 536 -11.27 -27.38 -1.10
N GLN A 537 -9.99 -27.03 -1.02
CA GLN A 537 -9.15 -27.25 0.19
C GLN A 537 -9.70 -26.34 1.31
N GLY A 538 -9.85 -26.89 2.51
CA GLY A 538 -10.46 -26.22 3.68
C GLY A 538 -11.98 -26.03 3.58
N SER A 539 -12.67 -26.73 2.67
CA SER A 539 -14.16 -26.81 2.60
C SER A 539 -14.62 -28.24 2.89
N GLU A 540 -15.75 -28.38 3.60
CA GLU A 540 -16.36 -29.70 3.84
C GLU A 540 -17.74 -29.74 3.18
N TYR A 541 -18.16 -30.91 2.75
CA TYR A 541 -19.48 -31.17 2.09
C TYR A 541 -19.99 -32.54 2.56
N ASP A 542 -21.28 -32.68 2.81
CA ASP A 542 -21.83 -33.96 3.33
C ASP A 542 -21.45 -35.08 2.33
N TYR A 543 -21.72 -34.84 1.04
CA TYR A 543 -21.50 -35.83 -0.05
C TYR A 543 -20.61 -35.19 -1.10
N VAL A 544 -19.70 -35.99 -1.62
CA VAL A 544 -18.71 -35.55 -2.63
C VAL A 544 -18.75 -36.58 -3.74
N ILE A 545 -18.81 -36.16 -5.00
CA ILE A 545 -18.57 -37.10 -6.14
C ILE A 545 -17.25 -36.73 -6.81
N PHE A 546 -16.28 -37.64 -6.80
CA PHE A 546 -14.94 -37.37 -7.38
C PHE A 546 -14.73 -38.27 -8.60
N THR A 547 -14.51 -37.66 -9.77
CA THR A 547 -14.02 -38.36 -10.98
C THR A 547 -12.54 -38.00 -11.18
N GLN A 548 -11.68 -39.02 -11.30
CA GLN A 548 -10.24 -38.81 -11.34
C GLN A 548 -9.88 -38.26 -12.73
N THR A 549 -10.71 -38.57 -13.74
CA THR A 549 -10.61 -38.00 -15.12
C THR A 549 -9.42 -38.63 -15.88
N THR A 550 -8.21 -38.59 -15.32
CA THR A 550 -6.96 -39.13 -15.95
C THR A 550 -6.13 -39.95 -14.95
N GLU A 551 -5.07 -40.58 -15.43
CA GLU A 551 -4.05 -41.25 -14.59
C GLU A 551 -2.74 -40.45 -14.57
N THR A 552 -2.80 -39.14 -14.84
CA THR A 552 -1.62 -38.25 -14.87
C THR A 552 -0.86 -38.21 -13.53
N ALA A 553 0.34 -37.65 -13.57
CA ALA A 553 1.08 -37.18 -12.38
C ALA A 553 0.13 -36.30 -11.57
N HIS A 554 -0.51 -35.31 -12.21
CA HIS A 554 -1.48 -34.37 -11.57
C HIS A 554 -2.61 -35.10 -10.83
N SER A 555 -3.27 -36.08 -11.46
CA SER A 555 -4.56 -36.59 -10.95
C SER A 555 -4.27 -37.66 -9.90
N CYS A 556 -3.01 -38.11 -9.80
CA CYS A 556 -2.58 -39.24 -8.92
C CYS A 556 -1.69 -38.72 -7.81
N ASN A 557 -1.41 -37.41 -7.78
CA ASN A 557 -0.60 -36.78 -6.71
C ASN A 557 -1.33 -37.12 -5.42
N VAL A 558 -0.61 -37.76 -4.50
CA VAL A 558 -1.20 -38.32 -3.26
C VAL A 558 -1.73 -37.16 -2.41
N ASN A 559 -1.12 -35.97 -2.45
CA ASN A 559 -1.60 -34.83 -1.61
C ASN A 559 -2.94 -34.34 -2.18
N ARG A 560 -3.12 -34.40 -3.49
CA ARG A 560 -4.36 -33.91 -4.14
C ARG A 560 -5.45 -34.95 -3.83
N PHE A 561 -5.08 -36.21 -3.82
CA PHE A 561 -6.07 -37.27 -3.57
C PHE A 561 -6.53 -37.19 -2.11
N ASN A 562 -5.56 -36.99 -1.20
CA ASN A 562 -5.74 -36.77 0.26
C ASN A 562 -6.83 -35.70 0.45
N VAL A 563 -6.66 -34.49 -0.13
CA VAL A 563 -7.60 -33.33 0.01
C VAL A 563 -8.95 -33.71 -0.61
N ALA A 564 -8.92 -34.41 -1.72
CA ALA A 564 -10.13 -34.67 -2.54
C ALA A 564 -11.15 -35.41 -1.68
N ILE A 565 -10.72 -36.52 -1.10
CA ILE A 565 -11.63 -37.52 -0.46
C ILE A 565 -11.91 -37.16 0.98
N THR A 566 -11.24 -36.14 1.54
CA THR A 566 -11.37 -35.68 2.95
C THR A 566 -12.28 -34.45 3.01
N ARG A 567 -13.01 -34.20 1.93
CA ARG A 567 -13.98 -33.08 1.82
C ARG A 567 -15.35 -33.58 2.26
N ALA A 568 -15.57 -34.91 2.21
CA ALA A 568 -16.83 -35.62 2.61
C ALA A 568 -16.95 -35.69 4.14
N LYS A 569 -18.10 -35.28 4.67
CA LYS A 569 -18.51 -35.52 6.10
C LYS A 569 -19.25 -36.86 6.22
N VAL A 570 -20.09 -37.22 5.24
CA VAL A 570 -21.00 -38.39 5.31
C VAL A 570 -20.64 -39.48 4.28
N GLY A 571 -20.70 -39.18 2.98
CA GLY A 571 -20.42 -40.18 1.90
C GLY A 571 -19.66 -39.59 0.72
N ILE A 572 -19.07 -40.46 -0.10
CA ILE A 572 -18.21 -40.15 -1.30
C ILE A 572 -18.33 -41.27 -2.34
N LEU A 573 -18.45 -40.90 -3.61
CA LEU A 573 -18.24 -41.80 -4.78
C LEU A 573 -16.95 -41.36 -5.47
N CYS A 574 -15.92 -42.19 -5.47
CA CYS A 574 -14.69 -41.96 -6.28
C CYS A 574 -14.77 -42.78 -7.57
N ILE A 575 -14.98 -42.16 -8.74
CA ILE A 575 -14.82 -42.87 -10.04
C ILE A 575 -13.36 -42.72 -10.42
N MET A 576 -12.57 -43.80 -10.37
CA MET A 576 -11.07 -43.79 -10.43
C MET A 576 -10.58 -44.23 -11.80
N SER A 577 -9.45 -43.66 -12.22
CA SER A 577 -8.71 -43.99 -13.47
C SER A 577 -7.47 -44.83 -13.13
N ASP A 578 -6.91 -44.58 -11.96
CA ASP A 578 -5.60 -45.13 -11.51
C ASP A 578 -5.89 -46.37 -10.65
N ARG A 579 -5.34 -47.51 -11.03
CA ARG A 579 -5.52 -48.81 -10.32
C ARG A 579 -4.90 -48.71 -8.92
N ASP A 580 -3.88 -47.87 -8.74
CA ASP A 580 -3.04 -47.76 -7.52
C ASP A 580 -3.84 -47.10 -6.38
N LEU A 581 -4.33 -45.87 -6.58
CA LEU A 581 -5.22 -45.24 -5.58
C LEU A 581 -6.57 -46.00 -5.54
N TYR A 582 -7.01 -46.66 -6.61
CA TYR A 582 -8.29 -47.38 -6.56
C TYR A 582 -8.17 -48.47 -5.50
N ASP A 583 -7.03 -49.15 -5.49
CA ASP A 583 -6.78 -50.32 -4.61
C ASP A 583 -6.53 -49.82 -3.20
N LYS A 584 -6.09 -48.56 -3.05
CA LYS A 584 -5.74 -47.94 -1.75
C LYS A 584 -6.99 -47.31 -1.12
N LEU A 585 -8.10 -47.22 -1.86
CA LEU A 585 -9.41 -46.76 -1.31
C LEU A 585 -10.07 -47.90 -0.52
N GLN A 586 -10.23 -47.74 0.81
CA GLN A 586 -10.92 -48.71 1.71
C GLN A 586 -12.43 -48.46 1.65
N PHE A 587 -12.99 -48.57 0.45
CA PHE A 587 -14.38 -48.19 0.11
C PHE A 587 -15.04 -49.41 -0.54
N THR A 588 -16.36 -49.44 -0.45
CA THR A 588 -17.18 -50.45 -1.11
C THR A 588 -16.96 -50.29 -2.61
N SER A 589 -16.52 -51.35 -3.29
CA SER A 589 -16.33 -51.34 -4.75
C SER A 589 -17.71 -51.41 -5.38
N LEU A 590 -17.89 -50.82 -6.56
CA LEU A 590 -19.14 -50.88 -7.37
C LEU A 590 -18.77 -51.36 -8.78
N GLU A 591 -19.50 -52.33 -9.34
CA GLU A 591 -19.32 -52.81 -10.74
C GLU A 591 -19.94 -51.77 -11.69
N ILE A 592 -19.62 -51.84 -12.99
CA ILE A 592 -20.03 -50.85 -14.05
C ILE A 592 -21.32 -51.32 -14.73
N PRO A 593 -22.43 -50.54 -14.69
CA PRO A 593 -23.64 -50.89 -15.44
C PRO A 593 -23.43 -51.11 -16.96
N ALA B 1 -4.11 -1.12 27.08
CA ALA B 1 -4.46 0.10 27.87
C ALA B 1 -3.20 0.73 28.50
N VAL B 2 -2.00 0.22 28.18
CA VAL B 2 -0.70 0.77 28.66
C VAL B 2 -0.05 1.54 27.50
N GLY B 3 0.54 2.70 27.80
CA GLY B 3 1.22 3.56 26.83
C GLY B 3 1.91 4.75 27.48
N ALA B 4 2.47 5.63 26.65
CA ALA B 4 3.22 6.84 27.05
C ALA B 4 2.27 8.04 27.14
N CYS B 5 2.70 9.11 27.82
CA CYS B 5 1.89 10.31 28.13
C CYS B 5 2.13 11.43 27.10
N VAL B 6 1.12 11.76 26.28
CA VAL B 6 1.28 12.59 25.06
C VAL B 6 1.60 14.04 25.44
N LEU B 7 2.19 14.30 26.62
CA LEU B 7 2.59 15.69 27.04
C LEU B 7 3.95 15.72 27.74
N CYS B 8 4.27 14.70 28.55
CA CYS B 8 5.56 14.58 29.30
C CYS B 8 6.19 13.18 29.11
N ASN B 9 5.51 12.24 28.44
CA ASN B 9 6.05 10.96 27.92
C ASN B 9 5.79 9.82 28.91
N SER B 10 5.54 10.13 30.21
CA SER B 10 5.43 9.15 31.32
C SER B 10 4.58 7.93 30.92
N GLN B 11 4.93 6.75 31.42
CA GLN B 11 4.13 5.51 31.22
C GLN B 11 2.81 5.71 31.99
N THR B 12 1.67 5.28 31.44
CA THR B 12 0.34 5.41 32.10
C THR B 12 -0.66 4.41 31.54
N SER B 13 -1.74 4.18 32.29
CA SER B 13 -2.92 3.33 31.97
C SER B 13 -4.10 4.23 31.52
N LEU B 14 -3.95 5.55 31.65
CA LEU B 14 -5.07 6.53 31.61
C LEU B 14 -5.10 7.24 30.25
N ARG B 15 -6.07 6.90 29.41
CA ARG B 15 -6.45 7.66 28.18
C ARG B 15 -7.75 8.43 28.44
N CYS B 16 -7.79 9.73 28.13
CA CYS B 16 -9.03 10.58 28.18
C CYS B 16 -10.05 10.10 27.13
N GLY B 17 -11.22 9.65 27.56
CA GLY B 17 -12.27 9.08 26.68
C GLY B 17 -13.19 10.17 26.18
N ALA B 18 -12.79 11.43 26.41
CA ALA B 18 -13.54 12.66 26.05
C ALA B 18 -12.76 13.52 25.05
N CYS B 19 -11.45 13.34 24.91
CA CYS B 19 -10.73 13.64 23.63
C CYS B 19 -11.19 12.68 22.53
N ILE B 20 -11.24 13.12 21.26
CA ILE B 20 -11.77 12.30 20.12
C ILE B 20 -10.72 11.25 19.71
N ARG B 21 -9.44 11.47 20.03
CA ARG B 21 -8.35 10.51 19.75
C ARG B 21 -8.21 9.48 20.89
N ARG B 22 -8.43 9.87 22.16
CA ARG B 22 -8.25 9.04 23.37
C ARG B 22 -6.75 8.92 23.67
N PRO B 23 -6.09 10.07 23.94
CA PRO B 23 -4.68 10.08 24.31
C PRO B 23 -4.33 9.63 25.73
N PHE B 24 -3.32 8.76 25.84
CA PHE B 24 -2.56 8.41 27.07
C PHE B 24 -2.07 9.71 27.75
N LEU B 25 -2.69 10.09 28.87
CA LEU B 25 -2.26 11.19 29.76
C LEU B 25 -1.69 10.63 31.07
N CYS B 26 -0.55 11.15 31.51
CA CYS B 26 0.03 10.86 32.84
C CYS B 26 -0.94 11.42 33.89
N CYS B 27 -0.98 10.77 35.05
CA CYS B 27 -1.77 11.14 36.25
C CYS B 27 -1.60 12.63 36.60
N LYS B 28 -0.36 13.10 36.79
CA LYS B 28 -0.08 14.52 37.12
C LYS B 28 -0.84 15.43 36.13
N CYS B 29 -0.84 15.06 34.85
CA CYS B 29 -1.34 15.87 33.70
C CYS B 29 -2.83 15.58 33.45
N CYS B 30 -3.25 14.30 33.34
CA CYS B 30 -4.67 13.87 33.13
C CYS B 30 -5.62 14.56 34.13
N TYR B 31 -5.14 14.88 35.32
CA TYR B 31 -5.88 15.71 36.30
C TYR B 31 -6.19 17.06 35.65
N ASP B 32 -5.11 17.78 35.29
CA ASP B 32 -5.15 19.19 34.84
C ASP B 32 -6.00 19.29 33.57
N HIS B 33 -6.09 18.22 32.76
CA HIS B 33 -7.13 18.07 31.70
C HIS B 33 -8.50 18.16 32.38
N VAL B 34 -8.88 17.11 33.12
CA VAL B 34 -10.29 16.86 33.55
C VAL B 34 -10.75 17.93 34.53
N ILE B 35 -9.86 18.63 35.21
CA ILE B 35 -10.27 19.73 36.14
C ILE B 35 -10.57 21.03 35.38
N SER B 36 -10.10 21.21 34.14
CA SER B 36 -10.14 22.51 33.39
C SER B 36 -11.05 22.45 32.15
N THR B 37 -11.48 21.26 31.72
CA THR B 37 -12.31 21.04 30.51
C THR B 37 -13.61 20.31 30.88
N SER B 38 -14.63 20.40 30.03
CA SER B 38 -15.84 19.55 30.10
C SER B 38 -15.44 18.06 30.11
N HIS B 39 -14.19 17.74 29.79
CA HIS B 39 -13.67 16.34 29.70
C HIS B 39 -13.52 15.76 31.12
N LYS B 40 -14.27 14.69 31.38
CA LYS B 40 -14.36 14.06 32.72
C LYS B 40 -14.17 12.55 32.61
N LEU B 41 -14.53 11.93 31.49
CA LEU B 41 -14.32 10.47 31.28
C LEU B 41 -12.80 10.19 31.23
N VAL B 42 -12.34 9.26 32.03
CA VAL B 42 -10.99 8.63 31.94
C VAL B 42 -11.19 7.16 31.59
N LEU B 43 -10.25 6.55 30.86
CA LEU B 43 -10.27 5.09 30.59
C LEU B 43 -8.97 4.47 31.14
N SER B 44 -8.98 3.13 31.24
CA SER B 44 -7.82 2.19 31.33
C SER B 44 -8.36 0.81 30.95
N VAL B 45 -7.66 -0.29 31.29
CA VAL B 45 -8.18 -1.68 31.12
C VAL B 45 -9.71 -1.61 31.21
N ASN B 46 -10.19 -1.02 32.31
CA ASN B 46 -11.62 -0.84 32.68
C ASN B 46 -11.94 0.65 32.72
N PRO B 47 -13.11 1.09 32.21
CA PRO B 47 -13.54 2.48 32.39
C PRO B 47 -13.58 2.93 33.87
N TYR B 48 -12.98 4.09 34.17
CA TYR B 48 -13.28 4.87 35.40
C TYR B 48 -14.75 5.32 35.34
N VAL B 49 -15.64 4.42 35.77
CA VAL B 49 -17.11 4.65 35.97
C VAL B 49 -17.48 4.03 37.32
N CYS B 50 -18.50 4.56 38.02
CA CYS B 50 -19.11 3.95 39.23
C CYS B 50 -19.56 2.53 38.91
N ASN B 51 -19.06 1.55 39.65
CA ASN B 51 -19.25 0.11 39.32
C ASN B 51 -20.61 -0.38 39.87
N ALA B 52 -21.28 0.46 40.66
CA ALA B 52 -22.56 0.17 41.34
C ALA B 52 -23.67 -0.03 40.30
N PRO B 53 -24.57 -1.03 40.45
CA PRO B 53 -25.60 -1.28 39.46
C PRO B 53 -26.42 -0.01 39.20
N GLY B 54 -26.56 0.36 37.92
CA GLY B 54 -27.54 1.35 37.42
C GLY B 54 -27.13 2.78 37.69
N CYS B 55 -26.06 2.98 38.44
CA CYS B 55 -25.43 4.30 38.64
C CYS B 55 -24.89 4.72 37.27
N ASP B 56 -24.89 6.02 36.97
CA ASP B 56 -24.52 6.53 35.62
C ASP B 56 -23.32 7.47 35.71
N VAL B 57 -22.82 7.73 36.93
CA VAL B 57 -21.77 8.75 37.24
C VAL B 57 -20.45 8.27 36.62
N THR B 58 -19.89 9.05 35.67
CA THR B 58 -18.62 8.76 34.95
C THR B 58 -17.57 9.85 35.24
N ASP B 59 -17.98 10.99 35.80
CA ASP B 59 -17.13 12.19 36.00
C ASP B 59 -16.07 11.83 37.05
N VAL B 60 -14.86 11.46 36.60
CA VAL B 60 -13.67 11.10 37.45
C VAL B 60 -13.59 11.95 38.74
N THR B 61 -14.00 13.21 38.66
CA THR B 61 -13.92 14.22 39.77
C THR B 61 -14.91 13.85 40.88
N GLN B 62 -15.98 13.13 40.53
CA GLN B 62 -17.03 12.62 41.45
C GLN B 62 -16.91 11.09 41.57
N LEU B 63 -15.68 10.53 41.58
CA LEU B 63 -15.44 9.06 41.69
C LEU B 63 -14.30 8.74 42.67
N TYR B 64 -14.40 7.58 43.33
CA TYR B 64 -13.49 7.08 44.38
C TYR B 64 -13.07 5.63 44.07
N LEU B 65 -11.92 5.23 44.63
CA LEU B 65 -11.40 3.84 44.66
C LEU B 65 -11.78 3.17 46.00
N GLY B 66 -12.57 2.09 45.95
CA GLY B 66 -13.03 1.30 47.11
C GLY B 66 -12.86 -0.18 46.85
N GLY B 67 -11.87 -0.81 47.48
CA GLY B 67 -11.29 -2.09 47.01
C GLY B 67 -10.54 -1.89 45.71
N MET B 68 -10.68 -2.83 44.76
CA MET B 68 -10.09 -2.77 43.40
C MET B 68 -10.96 -1.89 42.49
N SER B 69 -12.13 -1.48 42.97
CA SER B 69 -13.26 -0.92 42.17
C SER B 69 -13.50 0.58 42.46
N TYR B 70 -14.25 1.23 41.57
CA TYR B 70 -14.44 2.70 41.57
C TYR B 70 -15.91 2.95 41.84
N TYR B 71 -16.22 3.99 42.62
CA TYR B 71 -17.61 4.35 43.05
C TYR B 71 -17.75 5.85 43.23
N CYS B 72 -18.98 6.35 43.06
CA CYS B 72 -19.35 7.77 43.31
C CYS B 72 -19.53 8.03 44.81
N LYS B 73 -19.83 9.26 45.21
CA LYS B 73 -19.97 9.63 46.66
C LYS B 73 -21.20 8.93 47.27
N SER B 74 -22.13 8.41 46.43
CA SER B 74 -23.39 7.72 46.80
C SER B 74 -23.23 6.19 46.86
N HIS B 75 -22.03 5.64 46.65
CA HIS B 75 -21.82 4.17 46.61
C HIS B 75 -20.46 3.78 47.19
N LYS B 76 -19.58 4.74 47.46
CA LYS B 76 -18.20 4.46 47.94
C LYS B 76 -18.36 3.84 49.31
N PRO B 77 -17.57 2.79 49.62
CA PRO B 77 -17.50 2.28 51.00
C PRO B 77 -16.71 3.26 51.87
N PRO B 78 -16.81 3.18 53.21
CA PRO B 78 -16.11 4.11 54.10
C PRO B 78 -14.61 4.36 53.78
N ILE B 79 -13.85 3.27 53.60
CA ILE B 79 -12.41 3.29 53.19
C ILE B 79 -12.36 3.45 51.67
N SER B 80 -12.21 4.69 51.19
CA SER B 80 -12.06 5.00 49.75
C SER B 80 -11.31 6.32 49.54
N PHE B 81 -10.29 6.25 48.68
CA PHE B 81 -9.56 7.39 48.10
C PHE B 81 -10.41 8.02 46.99
N PRO B 82 -10.49 9.37 46.91
CA PRO B 82 -11.01 10.03 45.72
C PRO B 82 -10.04 9.83 44.54
N LEU B 83 -10.57 9.58 43.35
CA LEU B 83 -9.70 9.33 42.17
C LEU B 83 -8.96 10.63 41.85
N CYS B 84 -9.57 11.78 42.17
CA CYS B 84 -9.00 13.12 41.92
C CYS B 84 -8.55 13.76 43.25
N ALA B 85 -7.24 13.88 43.45
CA ALA B 85 -6.68 14.55 44.63
C ALA B 85 -5.22 14.96 44.35
N ASN B 86 -4.72 15.93 45.10
CA ASN B 86 -3.31 16.40 45.04
C ASN B 86 -2.85 16.37 43.59
N GLY B 87 -3.59 17.09 42.73
CA GLY B 87 -3.24 17.38 41.33
C GLY B 87 -3.12 16.14 40.46
N GLN B 88 -3.53 14.96 40.95
CA GLN B 88 -3.35 13.67 40.24
C GLN B 88 -4.70 12.94 40.09
N VAL B 89 -4.74 11.97 39.17
CA VAL B 89 -5.82 10.96 38.97
C VAL B 89 -5.19 9.58 39.16
N PHE B 90 -5.54 8.88 40.22
CA PHE B 90 -5.05 7.51 40.51
C PHE B 90 -4.93 6.73 39.19
N GLY B 91 -3.81 6.04 39.02
CA GLY B 91 -3.49 5.21 37.83
C GLY B 91 -2.06 4.70 37.89
N LEU B 92 -1.77 3.59 37.21
CA LEU B 92 -0.48 2.84 37.33
C LEU B 92 0.69 3.82 37.11
N TYR B 93 1.83 3.53 37.72
CA TYR B 93 3.17 4.18 37.52
C TYR B 93 3.19 5.62 38.10
N LYS B 94 2.15 6.04 38.86
CA LYS B 94 1.99 7.39 39.46
C LYS B 94 3.29 7.88 40.11
N VAL B 103 -0.17 22.08 29.42
CA VAL B 103 -1.47 21.33 29.42
C VAL B 103 -2.61 22.32 29.12
N THR B 104 -2.52 23.57 29.59
CA THR B 104 -3.33 24.71 29.06
C THR B 104 -3.47 24.47 27.56
N ASP B 105 -2.33 24.52 26.86
CA ASP B 105 -2.22 24.34 25.38
C ASP B 105 -2.95 23.04 24.99
N PHE B 106 -2.56 21.90 25.55
CA PHE B 106 -3.26 20.61 25.27
C PHE B 106 -4.78 20.84 25.35
N ASN B 107 -5.24 21.45 26.44
CA ASN B 107 -6.69 21.56 26.77
C ASN B 107 -7.43 22.27 25.63
N ALA B 108 -6.86 23.35 25.11
CA ALA B 108 -7.45 24.17 24.04
C ALA B 108 -7.46 23.37 22.75
N ILE B 109 -6.41 22.56 22.54
CA ILE B 109 -6.32 21.69 21.32
C ILE B 109 -7.34 20.56 21.44
N ALA B 110 -7.53 20.02 22.66
CA ALA B 110 -8.42 18.89 22.97
C ALA B 110 -9.89 19.28 22.74
N THR B 111 -10.24 20.55 22.99
CA THR B 111 -11.64 21.03 23.15
C THR B 111 -12.11 21.97 22.02
N CYS B 112 -11.18 22.53 21.22
CA CYS B 112 -11.47 23.40 20.05
C CYS B 112 -12.09 22.60 18.90
N ASP B 113 -12.98 23.23 18.11
CA ASP B 113 -13.74 22.62 16.98
C ASP B 113 -13.07 22.96 15.62
N TRP B 114 -11.97 23.72 15.62
CA TRP B 114 -11.05 23.92 14.46
C TRP B 114 -11.66 24.88 13.42
N THR B 115 -12.53 25.77 13.87
CA THR B 115 -13.20 26.78 13.02
C THR B 115 -12.55 28.14 13.26
N ASN B 116 -11.66 28.25 14.23
CA ASN B 116 -10.95 29.53 14.52
C ASN B 116 -9.47 29.40 14.08
N ALA B 117 -8.86 30.51 13.69
CA ALA B 117 -7.44 30.57 13.27
C ALA B 117 -6.54 30.26 14.47
N GLY B 118 -6.90 30.80 15.64
CA GLY B 118 -6.19 30.54 16.93
C GLY B 118 -5.99 29.05 17.17
N ASP B 119 -6.94 28.21 16.73
CA ASP B 119 -6.84 26.73 16.79
C ASP B 119 -5.61 26.26 16.02
N TYR B 120 -5.43 26.78 14.80
CA TYR B 120 -4.32 26.39 13.90
C TYR B 120 -3.04 27.02 14.44
N ILE B 121 -3.12 28.24 15.00
CA ILE B 121 -1.93 28.97 15.51
C ILE B 121 -1.28 28.11 16.57
N LEU B 122 -2.07 27.74 17.57
CA LEU B 122 -1.66 26.89 18.73
C LEU B 122 -1.13 25.54 18.22
N ALA B 123 -1.77 24.92 17.23
CA ALA B 123 -1.34 23.63 16.64
C ALA B 123 0.06 23.76 16.03
N ASN B 124 0.63 24.98 16.02
CA ASN B 124 1.92 25.28 15.34
C ASN B 124 2.85 26.05 16.28
N THR B 125 2.34 26.75 17.29
CA THR B 125 3.17 27.41 18.33
C THR B 125 3.38 26.50 19.55
N CYS B 126 2.89 25.25 19.53
CA CYS B 126 2.95 24.35 20.72
C CYS B 126 4.25 23.52 20.68
N THR B 127 4.32 22.48 21.51
CA THR B 127 5.44 21.51 21.60
C THR B 127 5.29 20.48 20.48
N GLU B 128 6.30 19.64 20.28
CA GLU B 128 6.38 18.73 19.11
C GLU B 128 5.36 17.60 19.29
N ARG B 129 5.19 17.06 20.50
CA ARG B 129 4.22 15.95 20.73
C ARG B 129 2.79 16.49 20.54
N LEU B 130 2.57 17.75 20.89
CA LEU B 130 1.22 18.34 20.84
C LEU B 130 0.83 18.63 19.39
N LYS B 131 1.79 19.06 18.56
CA LYS B 131 1.55 19.26 17.11
C LYS B 131 1.00 17.95 16.57
N LEU B 132 1.53 16.82 17.05
CA LEU B 132 1.11 15.47 16.57
C LEU B 132 -0.31 15.19 17.06
N PHE B 133 -0.58 15.50 18.34
CA PHE B 133 -1.93 15.36 18.96
C PHE B 133 -2.91 16.23 18.17
N ALA B 134 -2.63 17.55 18.13
CA ALA B 134 -3.33 18.63 17.37
C ALA B 134 -3.63 18.19 15.94
N ALA B 135 -2.57 17.84 15.20
CA ALA B 135 -2.62 17.40 13.79
C ALA B 135 -3.62 16.24 13.64
N GLU B 136 -3.54 15.30 14.59
CA GLU B 136 -4.29 14.02 14.57
C GLU B 136 -5.76 14.38 14.81
N THR B 137 -5.99 15.29 15.77
CA THR B 137 -7.34 15.69 16.26
C THR B 137 -8.10 16.46 15.16
N LEU B 138 -7.48 17.52 14.66
CA LEU B 138 -7.95 18.28 13.46
C LEU B 138 -8.36 17.28 12.37
N LYS B 139 -7.41 16.45 11.93
CA LYS B 139 -7.66 15.54 10.78
C LYS B 139 -8.87 14.68 11.12
N ALA B 140 -8.90 14.15 12.35
CA ALA B 140 -10.04 13.38 12.89
C ALA B 140 -11.32 14.22 12.74
N THR B 141 -11.34 15.37 13.40
CA THR B 141 -12.50 16.30 13.41
C THR B 141 -12.90 16.63 11.98
N GLU B 142 -11.91 16.87 11.10
CA GLU B 142 -12.11 17.11 9.64
C GLU B 142 -12.92 15.96 9.08
N GLU B 143 -12.47 14.72 9.31
CA GLU B 143 -13.09 13.52 8.67
C GLU B 143 -14.50 13.32 9.25
N THR B 144 -14.65 13.36 10.58
CA THR B 144 -15.98 13.15 11.25
C THR B 144 -17.02 14.21 10.80
N PHE B 145 -16.58 15.40 10.38
CA PHE B 145 -17.51 16.46 9.91
C PHE B 145 -17.94 16.17 8.46
N LYS B 146 -17.19 15.36 7.70
CA LYS B 146 -17.55 15.01 6.29
C LYS B 146 -18.81 14.12 6.28
N LEU B 147 -19.06 13.40 7.38
CA LEU B 147 -20.27 12.55 7.57
C LEU B 147 -21.52 13.44 7.66
N SER B 148 -21.34 14.70 8.07
CA SER B 148 -22.41 15.66 8.45
C SER B 148 -23.06 16.34 7.22
N TYR B 149 -22.57 16.07 6.00
CA TYR B 149 -23.10 16.62 4.72
C TYR B 149 -24.16 15.68 4.12
N GLY B 150 -24.85 16.16 3.07
CA GLY B 150 -26.02 15.51 2.45
C GLY B 150 -25.68 14.72 1.19
N ILE B 151 -25.92 13.40 1.22
CA ILE B 151 -25.76 12.48 0.06
C ILE B 151 -26.51 13.10 -1.11
N ALA B 152 -25.95 13.01 -2.33
CA ALA B 152 -26.52 13.54 -3.58
C ALA B 152 -26.72 12.38 -4.56
N THR B 153 -27.96 12.08 -4.93
CA THR B 153 -28.28 11.05 -5.93
C THR B 153 -28.71 11.77 -7.21
N VAL B 154 -28.42 11.17 -8.37
CA VAL B 154 -28.68 11.71 -9.74
C VAL B 154 -30.14 11.42 -10.09
N ARG B 155 -31.01 12.43 -9.99
CA ARG B 155 -32.43 12.35 -10.41
C ARG B 155 -32.50 11.94 -11.89
N GLU B 156 -31.64 12.52 -12.76
CA GLU B 156 -31.55 12.13 -14.20
C GLU B 156 -30.19 12.52 -14.83
N VAL B 157 -29.66 11.64 -15.69
CA VAL B 157 -28.44 11.84 -16.54
C VAL B 157 -28.83 12.75 -17.70
N LEU B 158 -27.99 13.73 -18.06
CA LEU B 158 -28.25 14.68 -19.19
C LEU B 158 -27.33 14.36 -20.37
N SER B 159 -26.01 14.41 -20.16
CA SER B 159 -24.98 14.17 -21.21
C SER B 159 -23.88 13.23 -20.67
N ASP B 160 -22.73 13.20 -21.36
CA ASP B 160 -21.51 12.45 -20.94
C ASP B 160 -20.76 13.27 -19.87
N ARG B 161 -21.10 14.55 -19.69
CA ARG B 161 -20.41 15.46 -18.73
C ARG B 161 -21.39 16.42 -18.02
N GLU B 162 -22.70 16.13 -18.00
CA GLU B 162 -23.69 16.92 -17.21
C GLU B 162 -24.81 16.00 -16.70
N LEU B 163 -25.44 16.38 -15.57
CA LEU B 163 -26.60 15.65 -14.98
C LEU B 163 -27.38 16.58 -14.06
N HIS B 164 -28.49 16.10 -13.49
CA HIS B 164 -29.39 16.84 -12.55
C HIS B 164 -29.38 16.16 -11.18
N LEU B 165 -28.82 16.82 -10.16
CA LEU B 165 -28.61 16.24 -8.80
C LEU B 165 -29.83 16.50 -7.89
N SER B 166 -30.24 15.46 -7.15
CA SER B 166 -31.22 15.47 -6.03
C SER B 166 -30.48 15.18 -4.71
N TRP B 167 -30.48 16.17 -3.79
CA TRP B 167 -29.77 16.16 -2.47
C TRP B 167 -30.67 15.60 -1.36
N GLU B 168 -30.09 15.16 -0.25
CA GLU B 168 -30.81 14.63 0.93
C GLU B 168 -31.30 15.81 1.78
N VAL B 169 -32.51 15.69 2.33
CA VAL B 169 -33.23 16.74 3.12
C VAL B 169 -32.52 16.92 4.48
N GLY B 170 -32.64 18.12 5.08
CA GLY B 170 -32.30 18.40 6.49
C GLY B 170 -30.80 18.47 6.79
N LYS B 171 -29.94 18.30 5.78
CA LYS B 171 -28.45 18.38 5.90
C LYS B 171 -27.94 19.46 4.94
N PRO B 172 -26.76 20.07 5.19
CA PRO B 172 -26.18 21.04 4.25
C PRO B 172 -25.72 20.37 2.94
N ARG B 173 -25.37 21.20 1.93
CA ARG B 173 -24.85 20.79 0.60
C ARG B 173 -23.41 21.26 0.47
N PRO B 174 -22.47 20.39 0.08
CA PRO B 174 -21.09 20.80 -0.16
C PRO B 174 -20.97 21.74 -1.36
N PRO B 175 -20.08 22.76 -1.33
CA PRO B 175 -19.88 23.63 -2.49
C PRO B 175 -19.28 22.82 -3.65
N LEU B 176 -19.92 22.88 -4.83
CA LEU B 176 -19.61 21.98 -5.98
C LEU B 176 -18.43 22.54 -6.78
N ASN B 177 -17.21 22.22 -6.36
CA ASN B 177 -15.95 22.72 -6.99
C ASN B 177 -14.97 21.56 -7.11
N ARG B 178 -13.78 21.82 -7.68
CA ARG B 178 -12.66 20.86 -7.83
C ARG B 178 -12.30 20.24 -6.48
N ASN B 179 -12.43 21.01 -5.39
CA ASN B 179 -11.95 20.66 -4.02
C ASN B 179 -12.60 19.37 -3.51
N TYR B 180 -13.93 19.28 -3.58
CA TYR B 180 -14.74 18.23 -2.91
C TYR B 180 -14.92 17.02 -3.84
N VAL B 181 -14.07 16.01 -3.71
CA VAL B 181 -14.15 14.74 -4.50
C VAL B 181 -15.08 13.78 -3.73
N PHE B 182 -16.21 13.42 -4.35
CA PHE B 182 -17.20 12.45 -3.83
C PHE B 182 -16.86 11.08 -4.39
N THR B 183 -17.25 10.02 -3.68
CA THR B 183 -17.25 8.64 -4.20
C THR B 183 -18.67 8.33 -4.70
N GLY B 184 -18.75 7.60 -5.81
CA GLY B 184 -20.00 7.15 -6.46
C GLY B 184 -20.23 5.67 -6.20
N TYR B 185 -21.51 5.28 -6.08
CA TYR B 185 -21.97 3.96 -5.61
C TYR B 185 -23.24 3.55 -6.37
N GLN B 194 -18.74 0.99 -5.99
CA GLN B 194 -17.72 2.06 -5.78
C GLN B 194 -17.24 2.58 -7.14
N ILE B 195 -18.15 3.15 -7.93
CA ILE B 195 -17.99 3.44 -9.39
C ILE B 195 -16.95 4.56 -9.61
N GLY B 196 -15.85 4.56 -8.86
CA GLY B 196 -14.79 5.57 -8.96
C GLY B 196 -15.21 6.93 -8.42
N GLU B 197 -14.24 7.81 -8.14
CA GLU B 197 -14.44 9.15 -7.54
C GLU B 197 -14.92 10.13 -8.62
N TYR B 198 -15.70 11.14 -8.22
CA TYR B 198 -16.28 12.19 -9.10
C TYR B 198 -16.17 13.57 -8.43
N THR B 199 -16.04 14.63 -9.23
CA THR B 199 -16.18 16.06 -8.83
C THR B 199 -17.36 16.64 -9.62
N PHE B 200 -17.89 17.79 -9.17
CA PHE B 200 -19.08 18.48 -9.74
C PHE B 200 -18.77 19.99 -9.91
N GLU B 201 -19.36 20.63 -10.94
CA GLU B 201 -19.29 22.11 -11.17
C GLU B 201 -20.59 22.62 -11.82
N LYS B 202 -21.15 23.74 -11.32
CA LYS B 202 -22.43 24.34 -11.79
C LYS B 202 -22.30 24.73 -13.27
N ASP B 207 -30.58 24.04 -12.93
CA ASP B 207 -30.28 22.90 -12.03
C ASP B 207 -29.00 22.17 -12.49
N ALA B 208 -28.70 22.18 -13.81
CA ALA B 208 -27.61 21.39 -14.45
C ALA B 208 -26.27 21.54 -13.69
N VAL B 209 -25.58 20.41 -13.50
CA VAL B 209 -24.22 20.30 -12.89
C VAL B 209 -23.29 19.61 -13.90
N VAL B 210 -21.98 19.88 -13.80
CA VAL B 210 -20.89 19.27 -14.64
C VAL B 210 -20.14 18.22 -13.80
N TYR B 211 -20.35 16.92 -14.08
CA TYR B 211 -19.82 15.75 -13.35
C TYR B 211 -18.55 15.22 -14.04
N ARG B 212 -17.42 15.18 -13.32
CA ARG B 212 -16.07 14.81 -13.85
C ARG B 212 -15.61 13.47 -13.23
N GLY B 213 -15.83 12.35 -13.93
CA GLY B 213 -15.60 10.99 -13.41
C GLY B 213 -14.20 10.50 -13.69
N THR B 214 -13.42 10.22 -12.64
CA THR B 214 -12.08 9.58 -12.73
C THR B 214 -12.21 8.33 -13.61
N THR B 215 -13.22 7.50 -13.35
CA THR B 215 -13.62 6.35 -14.20
C THR B 215 -14.64 6.87 -15.24
N THR B 216 -14.54 6.40 -16.49
CA THR B 216 -15.61 6.55 -17.52
C THR B 216 -16.64 5.45 -17.27
N TYR B 217 -17.87 5.81 -16.86
CA TYR B 217 -18.93 4.83 -16.51
C TYR B 217 -20.32 5.34 -16.93
N LYS B 218 -21.09 4.47 -17.59
CA LYS B 218 -22.52 4.67 -17.95
C LYS B 218 -23.31 4.71 -16.64
N LEU B 219 -23.17 5.82 -15.91
CA LEU B 219 -23.75 6.04 -14.55
C LEU B 219 -25.28 6.05 -14.64
N ASN B 220 -25.93 5.19 -13.85
CA ASN B 220 -27.40 4.98 -13.85
C ASN B 220 -28.05 6.08 -12.99
N VAL B 221 -29.38 6.22 -13.07
CA VAL B 221 -30.22 6.98 -12.09
C VAL B 221 -30.45 6.06 -10.88
N GLY B 222 -30.30 6.61 -9.66
CA GLY B 222 -30.31 5.82 -8.42
C GLY B 222 -28.91 5.68 -7.85
N ASP B 223 -27.90 5.57 -8.71
CA ASP B 223 -26.48 5.75 -8.33
C ASP B 223 -26.39 7.03 -7.50
N TYR B 224 -25.73 6.97 -6.34
CA TYR B 224 -25.59 8.12 -5.40
C TYR B 224 -24.10 8.38 -5.12
N PHE B 225 -23.76 9.64 -4.85
CA PHE B 225 -22.38 10.13 -4.59
C PHE B 225 -22.26 10.54 -3.12
N VAL B 226 -21.12 10.24 -2.48
CA VAL B 226 -20.83 10.50 -1.04
C VAL B 226 -19.40 11.02 -0.90
N LEU B 227 -19.11 11.86 0.10
CA LEU B 227 -17.74 12.35 0.40
C LEU B 227 -16.94 11.23 1.09
N THR B 228 -15.79 10.85 0.51
CA THR B 228 -14.96 9.69 0.91
C THR B 228 -14.22 9.99 2.22
N SER B 229 -14.83 9.63 3.36
CA SER B 229 -14.26 9.81 4.71
C SER B 229 -13.24 8.70 4.99
N HIS B 230 -11.94 9.04 4.95
CA HIS B 230 -10.80 8.13 5.25
C HIS B 230 -10.53 8.16 6.76
N THR B 231 -10.35 6.99 7.37
CA THR B 231 -10.05 6.83 8.81
C THR B 231 -8.66 7.42 9.06
N VAL B 232 -8.54 8.20 10.12
CA VAL B 232 -7.31 8.97 10.47
C VAL B 232 -6.39 8.11 11.32
N MET B 233 -5.39 7.47 10.69
CA MET B 233 -4.32 6.70 11.38
C MET B 233 -3.69 7.63 12.41
N PRO B 234 -3.09 7.08 13.49
CA PRO B 234 -2.34 7.89 14.43
C PRO B 234 -0.95 8.22 13.85
N LEU B 235 -0.38 9.31 14.31
CA LEU B 235 0.98 9.75 13.91
C LEU B 235 1.90 9.25 15.01
N SER B 236 3.20 9.20 14.76
CA SER B 236 4.26 8.65 15.64
C SER B 236 5.52 9.50 15.49
N ALA B 237 6.01 9.56 14.25
CA ALA B 237 7.19 10.36 13.85
C ALA B 237 6.86 11.82 14.10
N PRO B 238 7.86 12.65 14.45
CA PRO B 238 7.64 14.10 14.59
C PRO B 238 7.34 14.76 13.23
N THR B 239 7.02 16.06 13.22
CA THR B 239 6.92 16.88 11.99
C THR B 239 8.33 17.07 11.43
N LEU B 240 9.24 17.57 12.28
CA LEU B 240 10.68 17.78 11.99
C LEU B 240 11.53 16.93 12.92
N VAL B 241 12.25 15.92 12.38
CA VAL B 241 13.32 15.21 13.14
C VAL B 241 14.25 16.27 13.72
N PRO B 242 14.88 16.04 14.90
CA PRO B 242 15.64 17.11 15.57
C PRO B 242 16.79 17.50 14.65
N GLN B 243 17.22 18.76 14.66
CA GLN B 243 18.25 19.24 13.69
C GLN B 243 19.60 18.68 14.13
N GLU B 244 20.44 18.30 13.16
CA GLU B 244 21.86 17.93 13.36
C GLU B 244 22.73 18.72 12.36
N HIS B 245 23.65 19.53 12.88
CA HIS B 245 24.65 20.27 12.07
C HIS B 245 25.98 19.51 12.09
N TYR B 246 26.58 19.28 10.93
CA TYR B 246 27.87 18.58 10.76
C TYR B 246 28.93 19.60 10.31
N VAL B 247 30.20 19.16 10.27
CA VAL B 247 31.40 19.97 9.87
C VAL B 247 31.89 19.44 8.51
N ARG B 248 31.11 18.57 7.87
CA ARG B 248 31.55 17.78 6.69
C ARG B 248 30.36 17.01 6.11
N ILE B 249 30.28 16.97 4.77
CA ILE B 249 29.17 16.40 3.94
C ILE B 249 28.89 14.94 4.33
N THR B 250 28.19 14.76 5.44
CA THR B 250 27.78 13.45 6.00
C THR B 250 26.93 12.70 4.97
N GLY B 251 27.20 11.40 4.75
CA GLY B 251 26.26 10.43 4.15
C GLY B 251 26.30 10.37 2.62
N LEU B 252 27.02 11.30 1.99
CA LEU B 252 26.89 11.63 0.54
C LEU B 252 28.28 11.82 -0.06
N TYR B 253 28.39 11.69 -1.39
CA TYR B 253 29.68 11.76 -2.13
C TYR B 253 29.54 12.71 -3.32
N PRO B 254 30.05 13.97 -3.21
CA PRO B 254 29.92 14.95 -4.28
C PRO B 254 30.73 14.62 -5.54
N THR B 255 30.24 15.02 -6.73
CA THR B 255 31.02 15.05 -8.01
C THR B 255 31.96 16.25 -8.03
N LEU B 256 32.93 16.25 -8.95
CA LEU B 256 33.88 17.37 -9.22
C LEU B 256 33.77 17.75 -10.70
N ASN B 257 32.58 17.54 -11.27
CA ASN B 257 32.31 17.51 -12.73
C ASN B 257 30.92 18.12 -13.01
N ILE B 258 30.39 18.93 -12.08
CA ILE B 258 28.94 19.32 -12.03
C ILE B 258 28.64 20.33 -13.16
N SER B 259 27.86 19.91 -14.17
CA SER B 259 27.53 20.71 -15.38
C SER B 259 27.19 22.13 -14.90
N ASP B 260 27.86 23.14 -15.48
CA ASP B 260 27.81 24.58 -15.12
C ASP B 260 26.35 25.04 -14.93
N GLU B 261 25.38 24.37 -15.59
CA GLU B 261 23.92 24.65 -15.50
C GLU B 261 23.44 24.71 -14.03
N PHE B 262 24.11 23.95 -13.14
CA PHE B 262 23.80 23.78 -11.70
C PHE B 262 25.04 24.12 -10.83
N SER B 263 25.93 25.00 -11.30
CA SER B 263 27.13 25.48 -10.57
C SER B 263 26.75 26.44 -9.45
N SER B 264 25.73 27.26 -9.68
CA SER B 264 25.35 28.41 -8.82
C SER B 264 24.74 27.91 -7.51
N ASN B 265 24.33 26.62 -7.49
CA ASN B 265 23.65 25.97 -6.33
C ASN B 265 24.65 25.14 -5.49
N VAL B 266 25.94 25.11 -5.82
CA VAL B 266 26.88 24.13 -5.20
C VAL B 266 26.95 24.40 -3.70
N ALA B 267 27.21 25.65 -3.27
CA ALA B 267 27.33 26.00 -1.82
C ALA B 267 26.05 25.54 -1.10
N ASN B 268 24.87 25.73 -1.70
CA ASN B 268 23.57 25.26 -1.15
C ASN B 268 23.60 23.73 -1.02
N TYR B 269 24.00 23.04 -2.08
CA TYR B 269 24.16 21.56 -2.17
C TYR B 269 25.08 21.05 -1.05
N GLN B 270 26.08 21.84 -0.65
CA GLN B 270 27.08 21.52 0.42
C GLN B 270 26.43 21.69 1.81
N LYS B 271 25.59 22.72 1.99
CA LYS B 271 24.80 22.97 3.22
C LYS B 271 23.80 21.80 3.42
N VAL B 272 23.13 21.40 2.35
CA VAL B 272 22.19 20.23 2.36
C VAL B 272 22.88 19.04 3.03
N GLY B 273 24.12 18.74 2.65
CA GLY B 273 24.94 17.63 3.18
C GLY B 273 25.40 17.82 4.62
N MET B 274 25.76 19.06 5.00
CA MET B 274 26.32 19.38 6.35
C MET B 274 25.19 19.69 7.36
N GLN B 275 23.97 19.21 7.11
CA GLN B 275 22.79 19.35 8.03
C GLN B 275 21.96 18.06 7.92
N LYS B 276 21.04 17.81 8.87
CA LYS B 276 20.05 16.71 8.77
C LYS B 276 18.96 17.15 7.77
N TYR B 277 18.05 18.03 8.20
CA TYR B 277 17.00 18.69 7.36
C TYR B 277 17.53 20.07 6.96
N SER B 278 17.10 20.58 5.80
CA SER B 278 17.39 21.95 5.30
C SER B 278 16.14 22.53 4.60
N THR B 279 15.96 23.85 4.74
CA THR B 279 14.82 24.69 4.25
C THR B 279 15.27 25.59 3.09
N LEU B 280 14.56 25.48 1.96
CA LEU B 280 14.76 26.33 0.75
C LEU B 280 13.47 27.12 0.42
N GLN B 281 13.56 28.44 0.56
CA GLN B 281 12.48 29.37 0.15
C GLN B 281 12.79 29.86 -1.26
N GLY B 282 11.93 29.47 -2.20
CA GLY B 282 12.01 29.86 -3.62
C GLY B 282 10.74 30.53 -4.10
N PRO B 283 10.71 31.89 -4.11
CA PRO B 283 9.72 32.64 -4.88
C PRO B 283 9.54 32.06 -6.28
N PRO B 284 8.41 32.40 -6.93
CA PRO B 284 8.10 31.89 -8.26
C PRO B 284 9.21 32.03 -9.31
N GLY B 285 9.46 30.93 -10.05
CA GLY B 285 10.36 30.88 -11.20
C GLY B 285 11.78 31.26 -10.79
N THR B 286 12.23 30.76 -9.63
CA THR B 286 13.54 31.10 -8.99
C THR B 286 14.46 29.87 -9.01
N GLY B 287 13.90 28.70 -9.34
CA GLY B 287 14.66 27.50 -9.71
C GLY B 287 14.58 26.40 -8.65
N LYS B 288 13.46 26.33 -7.94
CA LYS B 288 13.24 25.28 -6.92
C LYS B 288 13.42 23.93 -7.63
N SER B 289 12.63 23.68 -8.68
CA SER B 289 12.63 22.42 -9.44
C SER B 289 14.09 22.09 -9.84
N HIS B 290 14.76 23.06 -10.47
CA HIS B 290 16.18 23.06 -10.90
C HIS B 290 17.05 22.59 -9.74
N PHE B 291 16.90 23.24 -8.59
CA PHE B 291 17.67 22.92 -7.37
C PHE B 291 17.49 21.43 -7.03
N ALA B 292 16.24 21.01 -6.86
CA ALA B 292 15.87 19.64 -6.40
C ALA B 292 16.61 18.62 -7.27
N ILE B 293 16.39 18.64 -8.60
CA ILE B 293 16.99 17.70 -9.60
C ILE B 293 18.50 17.94 -9.67
N GLY B 294 18.93 19.17 -9.53
CA GLY B 294 20.37 19.50 -9.43
C GLY B 294 21.05 18.81 -8.26
N LEU B 295 20.32 18.44 -7.23
CA LEU B 295 20.90 17.86 -5.99
C LEU B 295 21.38 16.43 -6.30
N ALA B 296 20.60 15.72 -7.12
CA ALA B 296 20.85 14.34 -7.58
C ALA B 296 22.13 14.30 -8.43
N LEU B 297 22.39 15.39 -9.16
CA LEU B 297 23.55 15.48 -10.09
C LEU B 297 24.80 15.79 -9.26
N TYR B 298 24.67 16.54 -8.18
CA TYR B 298 25.84 16.88 -7.33
C TYR B 298 26.16 15.70 -6.41
N TYR B 299 25.14 14.91 -6.05
CA TYR B 299 25.30 13.65 -5.25
C TYR B 299 24.77 12.48 -6.08
N PRO B 300 25.49 12.11 -7.17
CA PRO B 300 24.91 11.29 -8.26
C PRO B 300 24.74 9.80 -7.94
N SER B 301 25.47 9.35 -6.92
CA SER B 301 25.38 8.00 -6.29
C SER B 301 24.06 7.90 -5.51
N ALA B 302 23.76 8.94 -4.72
CA ALA B 302 22.71 9.00 -3.67
C ALA B 302 21.32 8.59 -4.19
N ARG B 303 20.55 7.92 -3.34
CA ARG B 303 19.13 7.55 -3.54
C ARG B 303 18.28 8.70 -3.01
N ILE B 304 17.37 9.21 -3.85
CA ILE B 304 16.55 10.41 -3.54
C ILE B 304 15.07 10.08 -3.79
N VAL B 305 14.27 10.31 -2.75
CA VAL B 305 12.78 10.32 -2.81
C VAL B 305 12.33 11.78 -2.96
N TYR B 306 11.68 12.03 -4.10
CA TYR B 306 11.00 13.30 -4.44
C TYR B 306 9.53 13.15 -4.06
N THR B 307 9.06 13.99 -3.13
CA THR B 307 7.68 13.94 -2.55
C THR B 307 7.08 15.33 -2.43
N ALA B 308 5.74 15.37 -2.42
CA ALA B 308 4.85 16.55 -2.40
C ALA B 308 3.41 16.07 -2.19
N CYS B 309 2.55 16.88 -1.61
CA CYS B 309 1.18 16.42 -1.26
C CYS B 309 0.38 16.12 -2.52
N SER B 310 0.49 16.94 -3.58
CA SER B 310 -0.34 16.80 -4.81
C SER B 310 0.37 15.99 -5.88
N HIS B 311 -0.38 15.38 -6.80
CA HIS B 311 0.23 14.62 -7.93
C HIS B 311 0.92 15.62 -8.88
N ALA B 312 0.36 16.83 -9.04
CA ALA B 312 0.87 17.86 -9.98
C ALA B 312 2.30 18.25 -9.62
N ALA B 313 2.62 18.36 -8.33
CA ALA B 313 3.90 18.87 -7.79
C ALA B 313 4.98 17.80 -7.86
N VAL B 314 4.57 16.52 -7.87
CA VAL B 314 5.46 15.34 -8.08
C VAL B 314 5.72 15.19 -9.58
N ASP B 315 4.67 15.24 -10.42
CA ASP B 315 4.70 15.17 -11.91
C ASP B 315 5.58 16.30 -12.49
N ALA B 316 5.51 17.47 -11.87
CA ALA B 316 6.44 18.61 -12.10
C ALA B 316 7.89 18.16 -11.90
N LEU B 317 8.25 17.67 -10.71
CA LEU B 317 9.64 17.24 -10.39
C LEU B 317 10.09 16.14 -11.36
N CYS B 318 9.13 15.37 -11.94
CA CYS B 318 9.35 14.20 -12.83
C CYS B 318 9.74 14.68 -14.22
N GLU B 319 9.05 15.72 -14.72
CA GLU B 319 9.42 16.38 -15.99
C GLU B 319 10.86 16.88 -15.85
N LYS B 320 11.18 17.54 -14.73
CA LYS B 320 12.52 18.14 -14.48
C LYS B 320 13.55 17.05 -14.26
N ALA B 321 13.14 15.79 -14.10
CA ALA B 321 14.07 14.63 -13.99
C ALA B 321 14.27 14.02 -15.39
N LEU B 322 13.16 13.85 -16.11
CA LEU B 322 13.18 13.32 -17.49
C LEU B 322 14.23 14.08 -18.31
N LYS B 323 14.55 15.31 -17.93
CA LYS B 323 15.47 16.19 -18.70
C LYS B 323 16.94 15.97 -18.28
N TYR B 324 17.22 15.59 -17.04
CA TYR B 324 18.59 15.67 -16.48
C TYR B 324 19.05 14.36 -15.83
N LEU B 325 18.15 13.42 -15.54
CA LEU B 325 18.49 12.17 -14.79
C LEU B 325 18.19 10.96 -15.69
N PRO B 326 19.03 9.89 -15.62
CA PRO B 326 18.78 8.68 -16.42
C PRO B 326 17.43 8.02 -16.10
N ILE B 327 16.59 7.84 -17.12
CA ILE B 327 15.18 7.33 -17.07
C ILE B 327 15.11 5.89 -16.55
N ASP B 328 16.23 5.15 -16.56
CA ASP B 328 16.33 3.75 -16.08
C ASP B 328 16.22 3.75 -14.54
N LYS B 329 16.74 4.79 -13.89
CA LYS B 329 16.88 4.83 -12.41
C LYS B 329 15.76 5.68 -11.78
N CYS B 330 14.66 5.93 -12.52
CA CYS B 330 13.52 6.79 -12.09
C CYS B 330 12.23 5.96 -12.02
N SER B 331 11.43 6.17 -10.98
CA SER B 331 10.13 5.48 -10.82
C SER B 331 9.08 6.38 -10.18
N ARG B 332 7.94 6.48 -10.86
CA ARG B 332 6.71 7.18 -10.43
C ARG B 332 5.82 6.18 -9.67
N ILE B 333 5.61 6.39 -8.37
CA ILE B 333 4.90 5.45 -7.45
C ILE B 333 3.44 5.85 -7.38
N ILE B 334 2.58 5.21 -8.16
CA ILE B 334 1.14 5.55 -8.30
C ILE B 334 0.32 4.61 -7.44
N PRO B 335 -0.51 5.11 -6.48
CA PRO B 335 -1.34 4.25 -5.63
C PRO B 335 -2.19 3.29 -6.48
N ALA B 336 -2.42 2.08 -5.95
CA ALA B 336 -3.13 0.95 -6.60
C ALA B 336 -4.56 1.39 -7.00
N ARG B 337 -5.11 2.39 -6.29
CA ARG B 337 -6.42 3.07 -6.57
C ARG B 337 -6.13 4.45 -7.20
N ALA B 338 -5.48 4.47 -8.36
CA ALA B 338 -4.98 5.67 -9.08
C ALA B 338 -6.14 6.62 -9.42
N ARG B 339 -6.05 7.88 -8.98
CA ARG B 339 -7.16 8.87 -8.89
C ARG B 339 -7.07 9.95 -9.98
N VAL B 340 -5.88 10.17 -10.54
CA VAL B 340 -5.61 11.18 -11.61
C VAL B 340 -4.56 10.61 -12.55
N GLU B 341 -4.59 10.99 -13.84
CA GLU B 341 -3.50 10.67 -14.81
C GLU B 341 -2.22 11.35 -14.30
N CYS B 342 -1.15 10.57 -14.07
CA CYS B 342 0.18 11.02 -13.56
C CYS B 342 1.22 10.98 -14.69
N PHE B 343 2.49 11.05 -14.30
CA PHE B 343 3.66 10.90 -15.19
C PHE B 343 3.69 9.46 -15.70
N ASP B 344 3.84 9.25 -17.02
CA ASP B 344 3.86 7.91 -17.68
C ASP B 344 5.29 7.54 -18.12
N LYS B 345 6.21 8.50 -18.23
CA LYS B 345 7.50 8.28 -18.93
C LYS B 345 8.45 7.44 -18.08
N PHE B 346 8.11 7.11 -16.83
CA PHE B 346 8.98 6.30 -15.93
C PHE B 346 8.38 4.90 -15.73
N LYS B 347 9.19 3.94 -15.26
CA LYS B 347 8.72 2.64 -14.69
C LYS B 347 7.87 2.97 -13.44
N VAL B 348 6.66 2.40 -13.38
CA VAL B 348 5.60 2.66 -12.35
C VAL B 348 5.67 1.62 -11.22
N ASN B 349 5.92 2.06 -9.98
CA ASN B 349 5.81 1.27 -8.73
C ASN B 349 7.07 0.38 -8.53
N SER B 350 8.23 0.87 -8.94
CA SER B 350 9.54 0.18 -8.83
C SER B 350 10.34 0.76 -7.65
N THR B 351 9.65 0.98 -6.54
CA THR B 351 10.14 1.49 -5.22
C THR B 351 11.67 1.46 -5.04
N LEU B 352 12.41 0.52 -5.63
CA LEU B 352 13.85 0.37 -5.27
C LEU B 352 14.77 1.08 -6.25
N GLU B 353 14.22 1.79 -7.25
CA GLU B 353 14.99 2.68 -8.14
C GLU B 353 15.62 3.82 -7.31
N GLN B 354 16.82 4.29 -7.71
CA GLN B 354 17.60 5.38 -7.06
C GLN B 354 16.73 6.65 -6.92
N TYR B 355 15.85 6.87 -7.89
CA TYR B 355 14.93 8.04 -7.95
C TYR B 355 13.49 7.52 -7.91
N VAL B 356 12.70 8.09 -6.99
CA VAL B 356 11.31 7.68 -6.66
C VAL B 356 10.51 8.97 -6.40
N PHE B 357 9.50 9.18 -7.24
CA PHE B 357 8.66 10.40 -7.29
C PHE B 357 7.27 10.02 -6.81
N CYS B 358 7.01 10.22 -5.52
CA CYS B 358 5.73 9.84 -4.91
C CYS B 358 5.10 10.98 -4.08
N THR B 359 3.76 11.08 -4.17
CA THR B 359 2.88 11.88 -3.27
C THR B 359 2.97 11.30 -1.85
N VAL B 360 2.87 12.17 -0.82
CA VAL B 360 3.08 11.83 0.63
C VAL B 360 2.16 10.69 1.08
N ASN B 361 0.96 10.58 0.53
CA ASN B 361 -0.07 9.62 1.05
C ASN B 361 0.08 8.25 0.39
N ALA B 362 1.01 8.09 -0.56
CA ALA B 362 1.31 6.80 -1.24
C ALA B 362 2.73 6.32 -0.92
N LEU B 363 3.49 7.09 -0.14
CA LEU B 363 4.93 6.79 0.11
C LEU B 363 5.07 5.38 0.69
N PRO B 364 5.97 4.55 0.15
CA PRO B 364 6.32 3.29 0.81
C PRO B 364 7.18 3.56 2.05
N GLU B 365 7.14 2.66 3.02
CA GLU B 365 8.16 2.56 4.09
C GLU B 365 9.47 2.16 3.42
N THR B 366 10.46 3.05 3.42
CA THR B 366 11.78 2.82 2.78
C THR B 366 12.82 3.73 3.44
N THR B 367 14.00 3.79 2.83
CA THR B 367 15.12 4.62 3.31
C THR B 367 15.66 5.38 2.11
N ALA B 368 16.48 6.41 2.36
CA ALA B 368 17.09 7.30 1.34
C ALA B 368 18.20 8.17 1.94
N ASP B 369 19.13 8.60 1.09
CA ASP B 369 20.27 9.48 1.45
C ASP B 369 19.72 10.90 1.56
N ILE B 370 18.83 11.24 0.63
CA ILE B 370 18.13 12.55 0.59
C ILE B 370 16.65 12.29 0.31
N VAL B 371 15.80 12.97 1.09
CA VAL B 371 14.37 13.20 0.76
C VAL B 371 14.23 14.68 0.43
N VAL B 372 13.62 14.99 -0.72
CA VAL B 372 13.20 16.36 -1.12
C VAL B 372 11.68 16.45 -1.01
N PHE B 373 11.21 17.25 -0.05
CA PHE B 373 9.79 17.59 0.14
C PHE B 373 9.54 18.94 -0.56
N ASP B 374 8.73 18.92 -1.61
CA ASP B 374 8.48 20.08 -2.49
C ASP B 374 7.08 20.60 -2.21
N GLU B 375 6.84 21.90 -2.50
CA GLU B 375 5.55 22.62 -2.29
C GLU B 375 5.24 22.65 -0.77
N ILE B 376 6.22 23.01 0.03
CA ILE B 376 6.14 22.83 1.49
C ILE B 376 4.99 23.69 2.03
N SER B 377 4.63 24.78 1.39
CA SER B 377 3.51 25.65 1.83
C SER B 377 2.19 24.87 1.89
N MET B 378 1.96 23.92 0.98
CA MET B 378 0.75 23.06 0.89
C MET B 378 0.80 21.87 1.87
N ALA B 379 1.87 21.71 2.62
CA ALA B 379 2.01 20.59 3.58
C ALA B 379 1.30 20.95 4.90
N THR B 380 0.55 20.00 5.49
CA THR B 380 0.03 20.04 6.89
C THR B 380 1.10 19.43 7.80
N ASN B 381 1.05 19.70 9.10
CA ASN B 381 1.96 19.05 10.08
C ASN B 381 1.76 17.52 10.00
N TYR B 382 0.51 17.04 9.92
CA TYR B 382 0.15 15.65 9.56
C TYR B 382 1.05 15.17 8.41
N ASP B 383 1.08 15.89 7.29
CA ASP B 383 1.89 15.54 6.09
C ASP B 383 3.37 15.45 6.48
N LEU B 384 3.89 16.39 7.28
CA LEU B 384 5.32 16.41 7.70
C LEU B 384 5.65 15.21 8.60
N SER B 385 4.64 14.62 9.23
CA SER B 385 4.76 13.44 10.13
C SER B 385 4.74 12.16 9.30
N VAL B 386 3.77 11.98 8.39
CA VAL B 386 3.68 10.75 7.56
C VAL B 386 5.03 10.53 6.89
N VAL B 387 5.66 11.60 6.39
CA VAL B 387 6.96 11.57 5.67
C VAL B 387 8.03 10.98 6.59
N ASN B 388 8.28 11.59 7.75
CA ASN B 388 9.28 11.08 8.73
C ASN B 388 8.98 9.61 9.11
N ALA B 389 7.69 9.24 9.13
CA ALA B 389 7.19 7.91 9.53
C ALA B 389 7.46 6.87 8.46
N ARG B 390 7.53 7.25 7.20
CA ARG B 390 7.68 6.30 6.07
C ARG B 390 9.14 6.31 5.57
N LEU B 391 9.87 7.42 5.77
CA LEU B 391 11.19 7.68 5.15
C LEU B 391 12.24 7.89 6.24
N ARG B 392 13.11 6.89 6.40
CA ARG B 392 14.41 6.98 7.10
C ARG B 392 15.45 7.46 6.09
N ALA B 393 15.97 8.67 6.30
CA ALA B 393 16.82 9.39 5.34
C ALA B 393 17.99 10.06 6.06
N LYS B 394 19.09 10.30 5.32
CA LYS B 394 20.32 10.92 5.85
C LYS B 394 20.08 12.44 5.98
N HIS B 395 19.49 13.03 4.94
CA HIS B 395 19.21 14.48 4.80
C HIS B 395 17.86 14.75 4.14
N TYR B 396 17.01 15.49 4.85
CA TYR B 396 15.64 15.92 4.43
C TYR B 396 15.73 17.35 3.87
N VAL B 397 15.19 17.55 2.66
CA VAL B 397 15.20 18.90 2.04
C VAL B 397 13.75 19.32 1.82
N TYR B 398 13.43 20.48 2.40
CA TYR B 398 12.09 21.14 2.40
C TYR B 398 12.14 22.35 1.47
N ILE B 399 11.37 22.28 0.39
CA ILE B 399 11.36 23.27 -0.71
C ILE B 399 9.95 23.88 -0.88
N GLY B 400 9.84 25.20 -0.77
CA GLY B 400 8.61 25.91 -1.18
C GLY B 400 8.68 27.37 -0.82
N ASP B 401 7.50 27.97 -0.64
CA ASP B 401 7.40 29.42 -0.40
C ASP B 401 6.24 29.66 0.55
N PRO B 402 6.52 30.20 1.76
CA PRO B 402 5.45 30.62 2.65
C PRO B 402 4.63 31.79 2.06
N ALA B 403 5.18 32.52 1.06
CA ALA B 403 4.46 33.61 0.34
C ALA B 403 3.45 33.03 -0.65
N GLN B 404 3.34 31.71 -0.75
CA GLN B 404 2.34 31.09 -1.63
C GLN B 404 1.28 30.40 -0.77
N LEU B 405 0.41 29.66 -1.47
CA LEU B 405 -0.90 29.21 -0.97
C LEU B 405 -0.72 27.96 -0.11
N PRO B 406 -1.37 27.93 1.07
CA PRO B 406 -1.38 26.74 1.92
C PRO B 406 -2.45 25.71 1.49
N ALA B 407 -2.50 24.59 2.19
CA ALA B 407 -3.58 23.59 2.13
C ALA B 407 -4.85 24.21 2.66
N PRO B 408 -5.99 24.10 1.97
CA PRO B 408 -7.24 24.61 2.53
C PRO B 408 -7.55 23.95 3.88
N ARG B 409 -7.80 24.80 4.88
CA ARG B 409 -8.43 24.44 6.19
C ARG B 409 -9.94 24.67 6.05
N THR B 410 -10.69 23.68 5.57
CA THR B 410 -12.12 23.84 5.23
C THR B 410 -12.94 24.06 6.50
N LEU B 411 -12.48 23.56 7.66
CA LEU B 411 -13.18 23.74 8.96
C LEU B 411 -12.94 25.17 9.47
N LEU B 412 -11.82 25.78 9.09
CA LEU B 412 -11.48 27.20 9.41
C LEU B 412 -12.46 28.13 8.66
N THR B 413 -13.32 28.82 9.40
CA THR B 413 -14.24 29.85 8.86
C THR B 413 -13.99 31.21 9.51
N LYS B 414 -13.29 31.26 10.63
CA LYS B 414 -13.07 32.51 11.42
C LYS B 414 -11.58 32.84 11.52
N GLY B 415 -11.14 33.89 10.82
CA GLY B 415 -9.77 34.41 10.90
C GLY B 415 -8.96 33.91 9.74
N THR B 416 -7.83 34.57 9.51
CA THR B 416 -6.88 34.25 8.41
C THR B 416 -5.64 33.60 9.03
N LEU B 417 -5.27 32.44 8.48
CA LEU B 417 -4.08 31.64 8.88
C LEU B 417 -2.84 32.24 8.21
N GLU B 418 -2.02 32.98 8.95
CA GLU B 418 -0.81 33.65 8.41
C GLU B 418 0.22 32.57 8.05
N PRO B 419 1.18 32.85 7.13
CA PRO B 419 2.15 31.86 6.65
C PRO B 419 2.98 31.09 7.70
N GLU B 420 3.32 31.78 8.79
CA GLU B 420 4.10 31.22 9.93
C GLU B 420 3.32 30.11 10.66
N TYR B 421 2.04 29.92 10.38
CA TYR B 421 1.20 28.90 11.04
C TYR B 421 0.78 27.82 10.04
N PHE B 422 1.42 27.79 8.87
CA PHE B 422 1.04 26.87 7.77
C PHE B 422 1.42 25.45 8.19
N ASN B 423 2.63 25.32 8.73
CA ASN B 423 3.26 24.06 9.23
C ASN B 423 4.54 24.47 9.94
N SER B 424 5.35 23.51 10.38
CA SER B 424 6.59 23.78 11.17
C SER B 424 7.71 24.30 10.28
N VAL B 425 7.79 23.83 9.01
CA VAL B 425 8.82 24.25 8.01
C VAL B 425 8.53 25.72 7.66
N CYS B 426 7.28 26.03 7.35
CA CYS B 426 6.84 27.42 7.09
C CYS B 426 7.10 28.25 8.32
N ARG B 427 6.74 27.76 9.50
CA ARG B 427 6.97 28.52 10.76
C ARG B 427 8.47 28.84 10.86
N LEU B 428 9.33 27.83 10.72
CA LEU B 428 10.80 28.03 10.75
C LEU B 428 11.18 29.08 9.70
N MET B 429 10.67 28.95 8.48
CA MET B 429 10.97 29.89 7.37
C MET B 429 10.62 31.33 7.76
N LYS B 430 9.52 31.55 8.47
CA LYS B 430 9.00 32.92 8.70
C LYS B 430 9.61 33.50 9.97
N THR B 431 10.22 32.68 10.81
CA THR B 431 10.70 33.09 12.15
C THR B 431 12.21 33.31 12.10
N ILE B 432 12.97 32.25 11.82
CA ILE B 432 14.47 32.27 11.94
C ILE B 432 15.06 32.44 10.55
N GLY B 433 14.24 32.79 9.58
CA GLY B 433 14.62 32.78 8.15
C GLY B 433 14.75 31.34 7.65
N PRO B 434 14.68 31.13 6.32
CA PRO B 434 14.94 29.81 5.72
C PRO B 434 16.45 29.61 5.58
N ASP B 435 16.91 28.37 5.34
CA ASP B 435 18.37 28.08 5.29
C ASP B 435 18.96 28.74 4.04
N MET B 436 18.29 28.53 2.91
CA MET B 436 18.71 28.94 1.55
C MET B 436 17.53 29.66 0.88
N PHE B 437 17.77 30.79 0.22
CA PHE B 437 16.76 31.63 -0.45
C PHE B 437 17.14 31.78 -1.92
N LEU B 438 16.23 31.49 -2.85
CA LEU B 438 16.47 31.77 -4.30
C LEU B 438 15.92 33.17 -4.64
N GLY B 439 16.82 34.13 -4.87
CA GLY B 439 16.52 35.56 -4.74
C GLY B 439 16.26 36.24 -6.08
N THR B 440 16.31 35.52 -7.21
CA THR B 440 16.13 36.11 -8.56
C THR B 440 15.10 35.32 -9.36
N CYS B 441 14.03 35.99 -9.78
CA CYS B 441 12.94 35.43 -10.62
C CYS B 441 13.32 35.53 -12.09
N ARG B 442 13.31 34.41 -12.81
CA ARG B 442 13.67 34.35 -14.26
C ARG B 442 12.42 34.00 -15.08
N ARG B 443 11.24 34.22 -14.54
CA ARG B 443 9.96 33.92 -15.24
C ARG B 443 9.24 35.23 -15.56
N CYS B 444 9.12 36.15 -14.59
CA CYS B 444 8.12 37.25 -14.62
C CYS B 444 8.77 38.54 -15.08
N PRO B 445 8.05 39.36 -15.85
CA PRO B 445 8.47 40.72 -16.16
C PRO B 445 8.64 41.53 -14.88
N ALA B 446 9.64 42.41 -14.86
CA ALA B 446 10.02 43.22 -13.68
C ALA B 446 8.79 43.85 -13.04
N GLU B 447 7.81 44.25 -13.83
CA GLU B 447 6.58 44.90 -13.28
C GLU B 447 6.06 44.03 -12.14
N ILE B 448 5.75 42.79 -12.48
CA ILE B 448 5.28 41.71 -11.55
C ILE B 448 6.30 41.48 -10.44
N VAL B 449 7.54 41.16 -10.79
CA VAL B 449 8.62 40.83 -9.81
C VAL B 449 8.74 41.99 -8.81
N ASP B 450 8.80 43.22 -9.34
CA ASP B 450 8.92 44.44 -8.49
C ASP B 450 7.74 44.48 -7.52
N THR B 451 6.51 44.21 -7.99
CA THR B 451 5.25 44.27 -7.20
C THR B 451 5.31 43.29 -6.03
N VAL B 452 5.68 42.03 -6.31
CA VAL B 452 5.60 40.98 -5.27
C VAL B 452 6.80 41.12 -4.33
N SER B 453 7.96 41.53 -4.83
CA SER B 453 9.15 41.74 -3.98
C SER B 453 8.74 42.69 -2.85
N ALA B 454 8.05 43.78 -3.16
CA ALA B 454 7.60 44.74 -2.14
C ALA B 454 6.55 44.09 -1.24
N LEU B 455 5.64 43.32 -1.81
CA LEU B 455 4.41 42.82 -1.14
C LEU B 455 4.76 41.73 -0.11
N VAL B 456 5.47 40.67 -0.52
CA VAL B 456 5.62 39.42 0.28
C VAL B 456 7.08 39.01 0.55
N TYR B 457 8.07 39.56 -0.14
CA TYR B 457 9.47 39.07 -0.03
C TYR B 457 10.39 40.14 0.53
N ASP B 458 9.83 41.14 1.23
CA ASP B 458 10.59 42.28 1.80
C ASP B 458 11.67 42.74 0.82
N ASN B 459 11.29 42.98 -0.42
CA ASN B 459 12.16 43.66 -1.42
C ASN B 459 13.41 42.85 -1.71
N LYS B 460 13.45 41.56 -1.34
CA LYS B 460 14.66 40.71 -1.52
C LYS B 460 14.56 39.88 -2.82
N LEU B 461 13.42 39.87 -3.52
CA LEU B 461 13.28 39.14 -4.82
C LEU B 461 13.62 40.09 -5.97
N LYS B 462 14.68 39.77 -6.73
CA LYS B 462 15.22 40.56 -7.86
C LYS B 462 14.77 39.94 -9.20
N ALA B 463 14.73 40.77 -10.26
CA ALA B 463 14.08 40.47 -11.56
C ALA B 463 15.14 40.18 -12.61
N HIS B 464 15.21 38.96 -13.09
CA HIS B 464 16.13 38.65 -14.21
C HIS B 464 15.70 39.37 -15.48
N LYS B 465 14.42 39.30 -15.82
CA LYS B 465 13.85 39.87 -17.05
C LYS B 465 13.67 41.37 -16.91
N ASP B 466 13.56 42.04 -18.06
CA ASP B 466 13.24 43.49 -18.21
C ASP B 466 11.80 43.73 -17.70
N LYS B 467 11.32 44.97 -17.73
CA LYS B 467 9.86 45.24 -17.78
C LYS B 467 9.40 44.76 -19.17
N SER B 468 8.27 44.07 -19.28
CA SER B 468 7.72 43.53 -20.54
C SER B 468 6.97 44.64 -21.30
N ALA B 469 6.60 45.72 -20.57
CA ALA B 469 5.61 46.74 -21.00
C ALA B 469 4.31 46.08 -21.51
N GLN B 470 3.91 44.97 -20.90
CA GLN B 470 2.69 44.17 -21.25
C GLN B 470 2.00 43.69 -19.96
N CYS B 471 2.01 44.52 -18.92
CA CYS B 471 1.33 44.27 -17.64
C CYS B 471 0.41 45.46 -17.41
N PHE B 472 -0.89 45.18 -17.43
CA PHE B 472 -1.95 46.20 -17.30
C PHE B 472 -2.75 45.89 -16.02
N LYS B 473 -3.12 46.96 -15.33
CA LYS B 473 -4.07 46.90 -14.21
C LYS B 473 -5.28 47.73 -14.59
N MET B 474 -6.43 47.47 -14.02
CA MET B 474 -7.63 48.27 -14.33
C MET B 474 -8.52 48.19 -13.12
N PHE B 475 -8.81 49.31 -12.48
CA PHE B 475 -9.67 49.31 -11.29
C PHE B 475 -11.11 49.36 -11.82
N TYR B 476 -11.88 48.29 -11.68
CA TYR B 476 -13.24 48.18 -12.23
C TYR B 476 -14.05 47.25 -11.35
N LYS B 477 -14.75 47.80 -10.36
CA LYS B 477 -15.42 47.02 -9.29
C LYS B 477 -16.58 46.23 -9.90
N GLY B 478 -17.28 46.74 -10.91
CA GLY B 478 -18.21 45.87 -11.65
C GLY B 478 -19.41 45.52 -10.80
N VAL B 479 -19.97 44.33 -10.99
CA VAL B 479 -21.18 43.89 -10.23
C VAL B 479 -20.90 42.45 -9.82
N ILE B 480 -21.16 42.11 -8.56
CA ILE B 480 -20.81 40.79 -7.99
C ILE B 480 -22.12 40.02 -7.80
N THR B 481 -22.29 38.94 -8.58
CA THR B 481 -23.42 37.99 -8.40
C THR B 481 -22.78 36.84 -7.64
N HIS B 482 -23.60 35.96 -7.08
CA HIS B 482 -23.11 34.78 -6.31
C HIS B 482 -23.88 33.54 -6.77
N ASP B 483 -23.17 32.48 -7.15
CA ASP B 483 -23.69 31.10 -7.32
C ASP B 483 -23.46 30.40 -5.98
N VAL B 484 -24.44 30.50 -5.07
CA VAL B 484 -24.37 30.07 -3.64
C VAL B 484 -23.45 31.05 -2.92
N SER B 485 -22.22 30.63 -2.60
CA SER B 485 -21.16 31.44 -1.94
C SER B 485 -20.12 31.91 -2.97
N SER B 486 -19.92 31.12 -4.04
CA SER B 486 -18.90 31.38 -5.09
C SER B 486 -19.32 32.62 -5.90
N ALA B 487 -18.37 33.51 -6.18
CA ALA B 487 -18.61 34.87 -6.71
C ALA B 487 -18.50 34.87 -8.24
N ILE B 488 -19.29 35.70 -8.89
CA ILE B 488 -19.20 36.00 -10.34
C ILE B 488 -19.19 37.54 -10.49
N ASN B 489 -18.59 38.02 -11.57
CA ASN B 489 -18.53 39.45 -11.93
C ASN B 489 -18.48 39.52 -13.45
N ARG B 490 -19.67 39.63 -14.08
CA ARG B 490 -19.82 39.67 -15.55
C ARG B 490 -19.23 40.98 -16.09
N PRO B 491 -19.48 42.16 -15.50
CA PRO B 491 -18.92 43.38 -16.09
C PRO B 491 -17.38 43.35 -16.14
N GLN B 492 -16.70 42.84 -15.10
CA GLN B 492 -15.23 42.58 -15.18
C GLN B 492 -14.90 41.62 -16.33
N ILE B 493 -15.68 40.56 -16.56
CA ILE B 493 -15.46 39.62 -17.71
C ILE B 493 -15.73 40.35 -19.04
N GLY B 494 -16.69 41.28 -19.04
CA GLY B 494 -17.06 42.06 -20.23
C GLY B 494 -15.98 43.06 -20.61
N VAL B 495 -15.40 43.75 -19.62
CA VAL B 495 -14.15 44.58 -19.76
C VAL B 495 -13.04 43.74 -20.43
N VAL B 496 -12.98 42.43 -20.17
CA VAL B 496 -11.91 41.54 -20.69
C VAL B 496 -12.20 41.25 -22.16
N ARG B 497 -13.45 40.96 -22.48
CA ARG B 497 -13.91 40.80 -23.89
C ARG B 497 -13.48 42.04 -24.67
N GLU B 498 -13.79 43.23 -24.17
CA GLU B 498 -13.44 44.52 -24.83
C GLU B 498 -11.93 44.59 -25.09
N PHE B 499 -11.12 44.17 -24.11
CA PHE B 499 -9.64 44.17 -24.20
C PHE B 499 -9.15 43.17 -25.27
N LEU B 500 -9.76 42.00 -25.37
CA LEU B 500 -9.28 40.90 -26.27
C LEU B 500 -9.39 41.28 -27.75
N THR B 501 -10.45 42.00 -28.12
CA THR B 501 -10.67 42.50 -29.51
C THR B 501 -9.45 43.36 -29.88
N ARG B 502 -9.02 44.27 -29.01
CA ARG B 502 -8.00 45.32 -29.30
C ARG B 502 -6.56 44.78 -29.14
N ASN B 503 -6.41 43.63 -28.47
CA ASN B 503 -5.10 43.11 -28.02
C ASN B 503 -5.03 41.62 -28.40
N PRO B 504 -5.03 41.26 -29.71
CA PRO B 504 -5.22 39.87 -30.14
C PRO B 504 -4.10 38.91 -29.73
N ALA B 505 -2.90 39.43 -29.38
CA ALA B 505 -1.76 38.68 -28.80
C ALA B 505 -2.16 37.92 -27.51
N TRP B 506 -3.27 38.31 -26.87
CA TRP B 506 -3.77 37.75 -25.58
C TRP B 506 -4.82 36.67 -25.82
N ARG B 507 -5.15 36.36 -27.08
CA ARG B 507 -6.21 35.38 -27.44
C ARG B 507 -5.80 33.99 -26.93
N LYS B 508 -4.53 33.84 -26.61
CA LYS B 508 -3.92 32.57 -26.14
C LYS B 508 -3.73 32.62 -24.60
N ALA B 509 -4.32 33.59 -23.90
CA ALA B 509 -4.10 33.80 -22.44
C ALA B 509 -4.90 32.79 -21.62
N VAL B 510 -4.36 32.38 -20.47
CA VAL B 510 -5.13 31.69 -19.42
C VAL B 510 -5.87 32.77 -18.61
N PHE B 511 -7.18 32.60 -18.45
CA PHE B 511 -8.04 33.41 -17.55
C PHE B 511 -7.92 32.87 -16.13
N ILE B 512 -7.65 33.72 -15.16
CA ILE B 512 -7.41 33.31 -13.76
C ILE B 512 -8.27 34.18 -12.88
N SER B 513 -8.91 33.58 -11.88
CA SER B 513 -9.77 34.28 -10.88
C SER B 513 -9.74 33.50 -9.58
N PRO B 514 -10.11 34.14 -8.47
CA PRO B 514 -10.18 33.45 -7.18
C PRO B 514 -11.45 32.61 -7.03
N TYR B 515 -12.26 32.46 -8.08
CA TYR B 515 -13.60 31.81 -7.98
C TYR B 515 -13.89 30.95 -9.23
N ASN B 516 -14.28 29.70 -9.01
CA ASN B 516 -14.63 28.73 -10.10
C ASN B 516 -15.78 29.32 -10.90
N SER B 517 -16.82 29.74 -10.22
CA SER B 517 -18.05 30.27 -10.83
C SER B 517 -17.65 31.37 -11.80
N GLN B 518 -16.75 32.28 -11.39
CA GLN B 518 -16.22 33.33 -12.30
C GLN B 518 -15.55 32.65 -13.52
N ASN B 519 -14.69 31.68 -13.25
CA ASN B 519 -13.98 30.86 -14.28
C ASN B 519 -14.97 30.12 -15.20
N ALA B 520 -16.10 29.66 -14.68
CA ALA B 520 -17.14 28.94 -15.46
C ALA B 520 -17.81 29.91 -16.44
N VAL B 521 -18.12 31.14 -16.00
CA VAL B 521 -18.76 32.17 -16.85
C VAL B 521 -17.74 32.65 -17.91
N ALA B 522 -16.49 32.92 -17.50
CA ALA B 522 -15.39 33.40 -18.36
C ALA B 522 -15.06 32.38 -19.47
N SER B 523 -15.11 31.10 -19.16
CA SER B 523 -15.01 30.00 -20.16
C SER B 523 -16.04 30.21 -21.28
N LYS B 524 -17.34 30.17 -20.95
CA LYS B 524 -18.47 30.41 -21.89
C LYS B 524 -18.33 31.75 -22.63
N ILE B 525 -17.94 32.85 -21.99
CA ILE B 525 -17.97 34.18 -22.70
C ILE B 525 -16.68 34.39 -23.53
N LEU B 526 -15.51 34.12 -22.95
CA LEU B 526 -14.17 34.41 -23.52
C LEU B 526 -13.60 33.22 -24.34
N GLY B 527 -13.92 31.98 -23.96
CA GLY B 527 -13.39 30.75 -24.59
C GLY B 527 -11.97 30.45 -24.18
N LEU B 528 -11.35 31.29 -23.33
CA LEU B 528 -9.93 31.13 -22.90
C LEU B 528 -9.88 29.89 -22.01
N PRO B 529 -8.73 29.22 -21.93
CA PRO B 529 -8.56 28.19 -20.91
C PRO B 529 -8.71 28.89 -19.53
N THR B 530 -9.11 28.14 -18.52
CA THR B 530 -9.55 28.70 -17.21
C THR B 530 -8.83 28.02 -16.03
N GLN B 531 -8.40 28.79 -15.05
CA GLN B 531 -7.66 28.31 -13.87
C GLN B 531 -8.06 29.12 -12.62
N THR B 532 -8.40 28.48 -11.49
CA THR B 532 -8.49 29.17 -10.18
C THR B 532 -7.08 29.58 -9.81
N VAL B 533 -6.92 30.52 -8.89
CA VAL B 533 -5.54 30.87 -8.46
C VAL B 533 -4.86 29.63 -7.88
N ASP B 534 -5.59 28.84 -7.12
CA ASP B 534 -5.03 27.78 -6.24
C ASP B 534 -4.58 26.61 -7.16
N SER B 535 -5.30 26.27 -8.22
CA SER B 535 -4.84 25.26 -9.21
C SER B 535 -3.74 25.85 -10.12
N SER B 536 -3.59 27.18 -10.22
CA SER B 536 -2.54 27.84 -11.05
C SER B 536 -1.15 27.71 -10.42
N GLN B 537 -1.09 27.52 -9.10
CA GLN B 537 0.17 27.53 -8.31
C GLN B 537 1.08 26.43 -8.87
N GLY B 538 2.34 26.77 -9.19
CA GLY B 538 3.32 25.86 -9.83
C GLY B 538 3.41 25.95 -11.35
N SER B 539 2.47 26.61 -12.02
CA SER B 539 2.36 26.70 -13.50
C SER B 539 2.65 28.13 -14.00
N GLU B 540 3.08 28.23 -15.25
CA GLU B 540 3.41 29.49 -15.96
C GLU B 540 2.73 29.49 -17.33
N TYR B 541 2.34 30.67 -17.77
CA TYR B 541 1.71 30.92 -19.07
C TYR B 541 2.25 32.24 -19.61
N ASP B 542 2.39 32.36 -20.93
CA ASP B 542 2.95 33.57 -21.60
C ASP B 542 2.13 34.79 -21.15
N TYR B 543 0.82 34.64 -21.15
CA TYR B 543 -0.14 35.75 -20.86
C TYR B 543 -1.15 35.24 -19.84
N VAL B 544 -1.57 36.13 -18.94
CA VAL B 544 -2.55 35.82 -17.86
C VAL B 544 -3.54 36.96 -17.81
N ILE B 545 -4.84 36.68 -17.83
CA ILE B 545 -5.87 37.68 -17.46
C ILE B 545 -6.40 37.25 -16.11
N PHE B 546 -6.34 38.16 -15.13
CA PHE B 546 -6.82 37.96 -13.75
C PHE B 546 -7.94 38.97 -13.50
N THR B 547 -9.14 38.49 -13.16
CA THR B 547 -10.25 39.29 -12.58
C THR B 547 -10.31 38.94 -11.11
N GLN B 548 -10.03 39.90 -10.24
CA GLN B 548 -10.11 39.71 -8.76
C GLN B 548 -11.52 39.27 -8.39
N THR B 549 -12.52 39.71 -9.15
CA THR B 549 -13.96 39.34 -8.99
C THR B 549 -14.60 40.08 -7.82
N THR B 550 -14.07 39.92 -6.60
CA THR B 550 -14.64 40.53 -5.35
C THR B 550 -13.54 41.34 -4.65
N GLU B 551 -13.89 42.13 -3.63
CA GLU B 551 -12.98 42.54 -2.54
C GLU B 551 -13.44 41.80 -1.29
N THR B 552 -12.89 40.62 -1.07
CA THR B 552 -13.10 39.80 0.14
C THR B 552 -11.72 39.42 0.67
N ALA B 553 -11.67 38.96 1.91
CA ALA B 553 -10.44 38.44 2.54
C ALA B 553 -9.81 37.40 1.62
N HIS B 554 -10.62 36.65 0.85
CA HIS B 554 -10.21 35.52 -0.04
C HIS B 554 -9.48 36.03 -1.29
N SER B 555 -10.07 36.99 -1.99
CA SER B 555 -9.53 37.58 -3.23
C SER B 555 -8.47 38.66 -2.94
N CYS B 556 -8.34 39.16 -1.72
CA CYS B 556 -7.27 40.15 -1.39
C CYS B 556 -6.19 39.49 -0.56
N ASN B 557 -6.33 38.20 -0.30
CA ASN B 557 -5.25 37.44 0.34
C ASN B 557 -3.98 37.72 -0.46
N VAL B 558 -2.93 38.27 0.19
CA VAL B 558 -1.69 38.67 -0.53
C VAL B 558 -0.96 37.44 -1.08
N ASN B 559 -1.09 36.28 -0.43
CA ASN B 559 -0.40 35.03 -0.87
C ASN B 559 -1.03 34.57 -2.19
N ARG B 560 -2.36 34.56 -2.29
CA ARG B 560 -3.11 34.21 -3.51
C ARG B 560 -2.85 35.26 -4.58
N PHE B 561 -2.80 36.55 -4.21
CA PHE B 561 -2.45 37.61 -5.20
C PHE B 561 -1.07 37.30 -5.77
N ASN B 562 -0.08 37.09 -4.88
CA ASN B 562 1.32 36.73 -5.21
C ASN B 562 1.34 35.61 -6.27
N VAL B 563 0.60 34.53 -6.08
CA VAL B 563 0.56 33.37 -7.03
C VAL B 563 -0.07 33.81 -8.34
N ALA B 564 -1.34 34.22 -8.32
CA ALA B 564 -2.07 34.80 -9.48
C ALA B 564 -1.11 35.51 -10.45
N ILE B 565 -0.38 36.53 -10.02
CA ILE B 565 0.32 37.41 -10.99
C ILE B 565 1.66 36.79 -11.44
N THR B 566 2.26 35.89 -10.66
CA THR B 566 3.58 35.29 -10.92
C THR B 566 3.44 34.02 -11.77
N ARG B 567 2.29 33.81 -12.40
CA ARG B 567 2.11 32.74 -13.40
C ARG B 567 2.59 33.25 -14.75
N ALA B 568 2.66 34.56 -14.96
CA ALA B 568 2.90 35.15 -16.30
C ALA B 568 4.41 35.27 -16.65
N LYS B 569 4.79 34.87 -17.86
CA LYS B 569 6.17 35.05 -18.39
C LYS B 569 6.28 36.34 -19.19
N VAL B 570 5.26 36.67 -19.99
CA VAL B 570 5.28 37.78 -20.99
C VAL B 570 4.41 38.96 -20.52
N GLY B 571 3.12 38.74 -20.27
CA GLY B 571 2.17 39.82 -19.99
C GLY B 571 1.08 39.42 -18.99
N ILE B 572 0.45 40.38 -18.33
CA ILE B 572 -0.75 40.09 -17.52
C ILE B 572 -1.69 41.26 -17.61
N LEU B 573 -2.99 40.98 -17.62
CA LEU B 573 -4.06 41.99 -17.42
C LEU B 573 -4.80 41.64 -16.12
N CYS B 574 -4.83 42.60 -15.21
CA CYS B 574 -5.46 42.50 -13.88
C CYS B 574 -6.58 43.51 -13.82
N ILE B 575 -7.81 43.01 -13.75
CA ILE B 575 -9.01 43.83 -13.43
C ILE B 575 -9.17 43.68 -11.93
N MET B 576 -8.96 44.77 -11.20
CA MET B 576 -8.86 44.81 -9.71
C MET B 576 -10.16 45.34 -9.10
N SER B 577 -10.52 44.80 -7.94
CA SER B 577 -11.68 45.27 -7.16
C SER B 577 -11.15 46.04 -5.94
N ASP B 578 -9.93 45.72 -5.50
CA ASP B 578 -9.25 46.24 -4.29
C ASP B 578 -8.36 47.41 -4.68
N ARG B 579 -8.71 48.61 -4.18
CA ARG B 579 -7.96 49.88 -4.36
C ARG B 579 -6.52 49.60 -3.93
N ASP B 580 -6.40 49.09 -2.72
CA ASP B 580 -5.14 48.74 -2.01
C ASP B 580 -4.23 48.01 -3.02
N LEU B 581 -4.61 46.78 -3.41
CA LEU B 581 -3.75 45.89 -4.26
C LEU B 581 -3.60 46.51 -5.65
N TYR B 582 -4.66 47.12 -6.19
CA TYR B 582 -4.56 47.89 -7.47
C TYR B 582 -3.41 48.90 -7.38
N ASP B 583 -3.33 49.66 -6.28
CA ASP B 583 -2.34 50.77 -6.15
C ASP B 583 -0.93 50.16 -6.13
N LYS B 584 -0.75 49.05 -5.39
CA LYS B 584 0.55 48.36 -5.23
C LYS B 584 0.96 47.70 -6.56
N LEU B 585 0.03 47.40 -7.46
CA LEU B 585 0.38 46.79 -8.78
C LEU B 585 1.20 47.82 -9.57
N GLN B 586 2.47 47.51 -9.86
CA GLN B 586 3.39 48.46 -10.54
C GLN B 586 3.28 48.27 -12.05
N PHE B 587 2.06 48.36 -12.57
CA PHE B 587 1.70 48.03 -13.97
C PHE B 587 1.20 49.31 -14.61
N THR B 588 1.15 49.30 -15.94
CA THR B 588 0.56 50.39 -16.75
C THR B 588 -0.96 50.37 -16.54
N SER B 589 -1.53 51.43 -15.95
CA SER B 589 -3.00 51.53 -15.74
C SER B 589 -3.69 51.76 -17.09
N LEU B 590 -4.64 50.91 -17.45
CA LEU B 590 -5.53 51.07 -18.62
C LEU B 590 -6.73 51.97 -18.27
N GLU B 591 -7.40 52.46 -19.31
CA GLU B 591 -8.62 53.29 -19.27
C GLU B 591 -9.74 52.57 -20.02
N ILE B 592 -10.94 52.54 -19.40
CA ILE B 592 -12.31 52.40 -20.01
C ILE B 592 -13.35 52.33 -18.88
ZN ZN C . 24.45 -13.59 -12.47
ZN ZN D . 31.42 -13.08 -1.83
ZN ZN E . 34.59 -0.66 -26.58
P PO4 F . -9.66 -27.93 10.55
O1 PO4 F . -9.81 -26.40 10.68
O2 PO4 F . -9.83 -28.38 9.05
O3 PO4 F . -10.68 -28.65 11.40
O4 PO4 F . -8.31 -28.32 11.06
P PO4 G . -8.62 -29.16 5.85
O1 PO4 G . -9.17 -27.89 6.65
O2 PO4 G . -8.16 -28.75 4.47
O3 PO4 G . -9.67 -30.19 5.75
O4 PO4 G . -7.42 -29.75 6.55
N1 VXD H . -11.59 17.91 4.80
C4 VXD H . -15.48 18.87 3.55
C5 VXD H . -14.51 18.54 2.62
C6 VXD H . -13.23 18.23 3.02
C7 VXD H . -12.91 18.25 4.37
C8 VXD H . -10.43 18.47 4.43
C1 VXD H . -13.54 18.57 6.80
C2 VXD H . -13.87 18.56 5.33
C3 VXD H . -15.15 18.87 4.89
C9 VXD H . -10.36 19.97 4.61
N2 VXD H . -8.96 20.36 4.89
O1 VXD H . -9.46 17.83 4.01
CL1 VXD H . -16.40 19.29 6.03
ZN ZN I . -22.72 5.45 41.92
ZN ZN J . -9.96 14.97 26.81
ZN ZN K . 1.85 13.87 31.52
P PO4 L . 10.67 27.39 -9.88
O1 PO4 L . 10.96 28.30 -8.71
O2 PO4 L . 9.26 27.68 -10.41
O3 PO4 L . 11.77 27.70 -10.95
O4 PO4 L . 10.72 25.94 -9.49
P PO4 M . 5.73 28.44 -8.34
O1 PO4 M . 5.89 29.76 -9.08
O2 PO4 M . 6.80 28.34 -7.29
O3 PO4 M . 4.36 28.35 -7.68
O4 PO4 M . 5.88 27.29 -9.34
#